data_4AR8
#
_entry.id   4AR8
#
_cell.length_a   74.420
_cell.length_b   102.080
_cell.length_c   102.480
_cell.angle_alpha   90.00
_cell.angle_beta   90.00
_cell.angle_gamma   90.00
#
_symmetry.space_group_name_H-M   'P 21 21 21'
#
loop_
_entity.id
_entity.type
_entity.pdbx_description
1 polymer 'COLLAGENASE COLT'
2 polymer ISOAMYL-PHOSPHONYL-GLY-PRO-ALA
3 non-polymer 'ZINC ION'
4 non-polymer 'CALCIUM ION'
5 water water
#
loop_
_entity_poly.entity_id
_entity_poly.type
_entity_poly.pdbx_seq_one_letter_code
_entity_poly.pdbx_strand_id
1 'polypeptide(L)'
;GGTDINKLIEEGKKHYLPKTYTFDNGKIIIKAGDKVEESKIQKLYWASKEVKSQFHRIIGNDKPLEVGNADDILTIVIYN
NPEEYKLNKTLYGYSVDNGGIYIEGIGTFFTYERTPQESIYSLEELFRHEFTHYLQGRYLIPGLFNKGDFYKGNNGRITW
FEEGSAEFFAGSTRTSVLPRKSMVGGLSKNPKERFNADKLLHSKYSDGWDFYKYGYAFSDYMYNNNKKLFSDLVSTMKNN
DVKGYEALIEESSKDSKINKDYEYHMENLVNNYDNYTIPLVSDDYMKQYDNKSLHEIKSDIEKAMDVKNSQITKESSQYF
DTYNLKATYTLSSNKGEISNWNYMNNKINEALNKLDNLSWGGYKTVTAYFSNPRLNSNNEVVYDIVFHGLLSHN
;
A,B
2 'polypeptide(L)' (IP8)GPA C,D
#
loop_
_chem_comp.id
_chem_comp.type
_chem_comp.name
_chem_comp.formula
CA non-polymer 'CALCIUM ION' 'Ca 2'
IP8 non-polymer 'Isopentenyl phosphate' 'C5 H11 O4 P'
ZN non-polymer 'ZINC ION' 'Zn 2'
#
# COMPACT_ATOMS: atom_id res chain seq x y z
N ASP A 4 5.03 32.82 13.08
CA ASP A 4 5.69 31.49 12.91
C ASP A 4 6.51 31.47 11.62
N ILE A 5 7.63 30.73 11.67
CA ILE A 5 8.53 30.59 10.51
C ILE A 5 7.83 29.90 9.34
N ASN A 6 6.97 28.94 9.66
CA ASN A 6 6.20 28.19 8.66
C ASN A 6 5.37 29.10 7.77
N LYS A 7 4.76 30.12 8.36
CA LYS A 7 3.99 31.10 7.61
C LYS A 7 4.86 31.88 6.63
N LEU A 8 6.11 32.14 7.02
CA LEU A 8 7.04 32.88 6.16
C LEU A 8 7.43 32.03 4.95
N ILE A 9 7.63 30.73 5.16
CA ILE A 9 7.99 29.79 4.10
C ILE A 9 6.89 29.64 3.04
N GLU A 10 5.65 29.47 3.49
CA GLU A 10 4.52 29.30 2.58
C GLU A 10 4.29 30.53 1.72
N GLU A 11 4.50 31.72 2.30
CA GLU A 11 4.39 32.96 1.53
C GLU A 11 5.45 32.99 0.42
N GLY A 12 6.64 32.47 0.73
CA GLY A 12 7.70 32.29 -0.26
C GLY A 12 7.31 31.29 -1.33
N LYS A 13 6.64 30.22 -0.93
CA LYS A 13 6.13 29.23 -1.88
C LYS A 13 5.05 29.82 -2.78
N LYS A 14 4.06 30.46 -2.16
CA LYS A 14 2.95 31.09 -2.90
C LYS A 14 3.44 32.19 -3.86
N HIS A 15 4.53 32.86 -3.48
CA HIS A 15 5.13 33.89 -4.33
C HIS A 15 5.76 33.29 -5.55
N TYR A 16 6.65 32.32 -5.35
CA TYR A 16 7.37 31.69 -6.47
C TYR A 16 6.59 30.59 -7.18
N LEU A 17 5.64 29.97 -6.48
CA LEU A 17 4.78 28.93 -7.08
C LEU A 17 3.30 29.27 -6.87
N PRO A 18 2.83 30.37 -7.49
CA PRO A 18 1.46 30.83 -7.26
C PRO A 18 0.38 29.92 -7.87
N LYS A 19 0.67 29.33 -9.02
CA LYS A 19 -0.32 28.54 -9.75
C LYS A 19 -0.38 27.09 -9.26
N THR A 20 -1.59 26.56 -9.13
CA THR A 20 -1.83 25.18 -8.71
C THR A 20 -2.80 24.48 -9.67
N TYR A 21 -2.43 23.29 -10.12
CA TYR A 21 -3.26 22.49 -11.02
C TYR A 21 -3.44 21.10 -10.43
N THR A 22 -4.67 20.60 -10.45
CA THR A 22 -4.98 19.30 -9.87
C THR A 22 -5.55 18.34 -10.91
N PHE A 23 -5.17 17.07 -10.81
CA PHE A 23 -5.67 16.03 -11.70
C PHE A 23 -6.09 14.80 -10.90
N ASP A 24 -6.89 13.95 -11.53
CA ASP A 24 -7.31 12.66 -10.97
C ASP A 24 -7.88 12.79 -9.56
N ASN A 25 -8.92 13.59 -9.41
CA ASN A 25 -9.58 13.78 -8.11
C ASN A 25 -8.60 14.19 -7.00
N GLY A 26 -7.65 15.05 -7.36
CA GLY A 26 -6.66 15.55 -6.41
C GLY A 26 -5.48 14.64 -6.14
N LYS A 27 -5.37 13.52 -6.85
CA LYS A 27 -4.25 12.58 -6.67
C LYS A 27 -2.94 13.07 -7.28
N ILE A 28 -3.04 14.04 -8.19
CA ILE A 28 -1.87 14.72 -8.72
C ILE A 28 -2.05 16.21 -8.54
N ILE A 29 -1.09 16.85 -7.88
CA ILE A 29 -1.11 18.29 -7.63
C ILE A 29 0.15 18.93 -8.19
N ILE A 30 -0.01 19.84 -9.15
CA ILE A 30 1.13 20.51 -9.76
C ILE A 30 1.18 21.98 -9.34
N LYS A 31 2.23 22.33 -8.60
CA LYS A 31 2.47 23.70 -8.16
C LYS A 31 3.54 24.29 -9.06
N ALA A 32 3.24 25.43 -9.69
CA ALA A 32 4.10 25.96 -10.75
C ALA A 32 4.26 27.47 -10.69
N GLY A 33 5.37 27.94 -11.24
CA GLY A 33 5.63 29.38 -11.36
C GLY A 33 4.68 30.01 -12.36
N ASP A 34 4.51 31.33 -12.27
CA ASP A 34 3.58 32.03 -13.17
C ASP A 34 3.93 31.89 -14.67
N LYS A 35 5.22 31.76 -14.97
CA LYS A 35 5.69 31.69 -16.37
C LYS A 35 5.68 30.28 -16.98
N VAL A 36 5.42 29.24 -16.18
CA VAL A 36 5.33 27.88 -16.72
C VAL A 36 3.99 27.74 -17.45
N GLU A 37 4.03 27.38 -18.73
CA GLU A 37 2.83 27.39 -19.57
C GLU A 37 1.77 26.40 -19.10
N GLU A 38 0.51 26.83 -19.10
CA GLU A 38 -0.60 26.00 -18.65
C GLU A 38 -0.75 24.79 -19.58
N SER A 39 -0.61 25.03 -20.89
CA SER A 39 -0.68 23.98 -21.90
C SER A 39 0.42 22.93 -21.72
N LYS A 40 1.61 23.39 -21.35
CA LYS A 40 2.72 22.48 -21.14
C LYS A 40 2.47 21.58 -19.93
N ILE A 41 1.89 22.15 -18.87
CA ILE A 41 1.56 21.39 -17.66
C ILE A 41 0.54 20.29 -17.95
N GLN A 42 -0.48 20.63 -18.74
CA GLN A 42 -1.48 19.65 -19.16
C GLN A 42 -0.80 18.53 -19.94
N LYS A 43 0.12 18.89 -20.83
CA LYS A 43 0.88 17.91 -21.59
C LYS A 43 1.67 16.96 -20.68
N LEU A 44 2.20 17.50 -19.59
CA LEU A 44 2.96 16.69 -18.63
C LEU A 44 2.10 15.58 -18.01
N TYR A 45 0.86 15.91 -17.66
CA TYR A 45 -0.08 14.93 -17.13
C TYR A 45 -0.22 13.73 -18.08
N TRP A 46 -0.45 14.02 -19.36
CA TRP A 46 -0.61 12.96 -20.36
C TRP A 46 0.66 12.19 -20.58
N ALA A 47 1.80 12.89 -20.50
CA ALA A 47 3.11 12.25 -20.55
C ALA A 47 3.28 11.24 -19.43
N SER A 48 2.79 11.59 -18.25
CA SER A 48 2.90 10.70 -17.09
C SER A 48 2.15 9.38 -17.35
N LYS A 49 1.03 9.48 -18.07
CA LYS A 49 0.23 8.30 -18.38
C LYS A 49 0.91 7.36 -19.35
N GLU A 50 1.63 7.91 -20.32
CA GLU A 50 2.38 7.08 -21.26
C GLU A 50 3.48 6.32 -20.53
N VAL A 51 4.23 7.02 -19.68
CA VAL A 51 5.29 6.39 -18.88
C VAL A 51 4.70 5.35 -17.91
N LYS A 52 3.62 5.73 -17.23
CA LYS A 52 2.95 4.85 -16.28
C LYS A 52 2.53 3.51 -16.88
N SER A 53 1.89 3.56 -18.05
N SER A 53 1.89 3.55 -18.04
CA SER A 53 1.40 2.34 -18.69
CA SER A 53 1.41 2.34 -18.68
C SER A 53 2.54 1.43 -19.17
C SER A 53 2.54 1.43 -19.17
N GLN A 54 3.59 2.03 -19.74
CA GLN A 54 4.76 1.25 -20.17
C GLN A 54 5.48 0.65 -18.95
N PHE A 55 5.58 1.45 -17.89
CA PHE A 55 6.19 1.02 -16.65
C PHE A 55 5.48 -0.21 -16.08
N HIS A 56 4.15 -0.15 -16.00
CA HIS A 56 3.38 -1.30 -15.48
C HIS A 56 3.48 -2.51 -16.38
N ARG A 57 3.50 -2.30 -17.69
CA ARG A 57 3.67 -3.41 -18.63
C ARG A 57 4.94 -4.18 -18.32
N ILE A 58 6.05 -3.46 -18.19
CA ILE A 58 7.34 -4.11 -17.97
C ILE A 58 7.52 -4.59 -16.53
N ILE A 59 7.17 -3.74 -15.55
CA ILE A 59 7.32 -4.10 -14.13
C ILE A 59 6.35 -5.20 -13.69
N GLY A 60 5.17 -5.23 -14.29
CA GLY A 60 4.21 -6.30 -14.03
C GLY A 60 3.42 -6.16 -12.74
N ASN A 61 3.47 -4.99 -12.11
CA ASN A 61 2.68 -4.69 -10.91
C ASN A 61 2.12 -3.28 -10.99
N ASP A 62 0.83 -3.14 -10.67
CA ASP A 62 0.22 -1.82 -10.54
C ASP A 62 -0.42 -1.60 -9.17
N LYS A 63 -0.05 -2.43 -8.19
CA LYS A 63 -0.50 -2.28 -6.82
C LYS A 63 0.59 -1.64 -5.97
N PRO A 64 0.25 -0.58 -5.20
CA PRO A 64 1.26 0.01 -4.33
C PRO A 64 1.85 -1.04 -3.41
N LEU A 65 3.17 -1.08 -3.30
CA LEU A 65 3.83 -2.06 -2.44
C LEU A 65 3.49 -1.83 -0.97
N GLU A 66 3.31 -0.57 -0.60
CA GLU A 66 2.89 -0.19 0.75
C GLU A 66 1.76 0.81 0.70
N VAL A 67 0.60 0.43 1.21
CA VAL A 67 -0.54 1.34 1.30
C VAL A 67 -0.29 2.35 2.42
N GLY A 68 -0.83 3.56 2.24
CA GLY A 68 -0.75 4.61 3.25
C GLY A 68 0.45 5.54 3.13
N ASN A 69 1.33 5.29 2.15
CA ASN A 69 2.50 6.13 1.94
C ASN A 69 2.13 7.49 1.35
N ALA A 70 3.03 8.46 1.51
CA ALA A 70 2.78 9.84 1.06
C ALA A 70 2.61 9.94 -0.47
N ASP A 71 3.18 8.99 -1.22
CA ASP A 71 3.03 8.98 -2.68
C ASP A 71 1.63 8.56 -3.16
N ASP A 72 0.71 8.30 -2.22
CA ASP A 72 -0.71 8.15 -2.55
C ASP A 72 -1.21 9.41 -3.25
N ILE A 73 -0.63 10.54 -2.89
CA ILE A 73 -0.83 11.79 -3.62
C ILE A 73 0.52 12.21 -4.20
N LEU A 74 0.55 12.47 -5.51
CA LEU A 74 1.78 12.92 -6.16
C LEU A 74 1.76 14.43 -6.30
N THR A 75 2.76 15.09 -5.72
CA THR A 75 2.91 16.54 -5.82
C THR A 75 4.08 16.85 -6.75
N ILE A 76 3.87 17.77 -7.68
CA ILE A 76 4.90 18.15 -8.64
C ILE A 76 5.14 19.65 -8.55
N VAL A 77 6.39 20.04 -8.32
CA VAL A 77 6.77 21.43 -8.16
C VAL A 77 7.66 21.87 -9.31
N ILE A 78 7.19 22.84 -10.10
CA ILE A 78 7.92 23.32 -11.27
C ILE A 78 8.23 24.81 -11.15
N TYR A 79 9.51 25.14 -11.00
CA TYR A 79 9.92 26.55 -10.95
C TYR A 79 10.04 27.12 -12.36
N ASN A 80 9.93 28.46 -12.47
CA ASN A 80 9.97 29.14 -13.77
C ASN A 80 11.25 28.87 -14.56
N ASN A 81 12.39 28.88 -13.88
CA ASN A 81 13.70 28.79 -14.54
C ASN A 81 14.76 28.17 -13.63
N PRO A 82 15.95 27.84 -14.18
CA PRO A 82 17.03 27.25 -13.37
C PRO A 82 17.42 28.08 -12.15
N GLU A 83 17.41 29.40 -12.29
CA GLU A 83 17.83 30.30 -11.22
C GLU A 83 16.87 30.27 -10.02
N GLU A 84 15.58 30.28 -10.30
CA GLU A 84 14.56 30.25 -9.25
C GLU A 84 14.43 28.86 -8.62
N TYR A 85 14.92 27.83 -9.31
CA TYR A 85 14.95 26.46 -8.78
C TYR A 85 15.84 26.34 -7.54
N LYS A 86 16.90 27.14 -7.49
CA LYS A 86 17.84 27.14 -6.37
C LYS A 86 17.17 27.52 -5.05
N LEU A 87 16.05 28.24 -5.11
CA LEU A 87 15.30 28.61 -3.92
C LEU A 87 14.63 27.42 -3.23
N ASN A 88 14.50 26.30 -3.95
CA ASN A 88 13.91 25.08 -3.40
C ASN A 88 14.64 24.57 -2.17
N LYS A 89 15.95 24.78 -2.11
CA LYS A 89 16.74 24.41 -0.95
C LYS A 89 16.24 25.12 0.31
N THR A 90 15.98 26.41 0.21
CA THR A 90 15.48 27.17 1.36
C THR A 90 13.99 26.89 1.60
N LEU A 91 13.21 26.87 0.54
CA LEU A 91 11.76 26.72 0.65
C LEU A 91 11.34 25.30 1.08
N TYR A 92 11.98 24.28 0.51
CA TYR A 92 11.64 22.88 0.82
C TYR A 92 12.75 22.08 1.52
N GLY A 93 14.01 22.51 1.38
CA GLY A 93 15.11 21.88 2.11
C GLY A 93 15.87 20.80 1.37
N TYR A 94 15.67 20.69 0.05
CA TYR A 94 16.30 19.62 -0.73
C TYR A 94 17.34 20.16 -1.71
N SER A 95 18.29 19.28 -2.07
CA SER A 95 19.42 19.64 -2.92
C SER A 95 18.98 20.14 -4.29
N VAL A 96 19.64 21.19 -4.77
CA VAL A 96 19.35 21.78 -6.08
C VAL A 96 20.46 21.53 -7.12
N ASP A 97 21.41 20.66 -6.79
CA ASP A 97 22.51 20.35 -7.73
C ASP A 97 22.10 19.25 -8.70
N ASN A 98 21.07 19.55 -9.50
CA ASN A 98 20.46 18.58 -10.38
C ASN A 98 19.47 19.25 -11.32
N GLY A 99 19.04 18.51 -12.35
CA GLY A 99 17.97 18.95 -13.22
C GLY A 99 16.62 18.88 -12.53
N GLY A 100 16.51 17.95 -11.58
CA GLY A 100 15.31 17.79 -10.78
C GLY A 100 15.54 16.76 -9.70
N ILE A 101 14.58 16.61 -8.79
CA ILE A 101 14.72 15.64 -7.71
C ILE A 101 13.36 15.15 -7.21
N TYR A 102 13.27 13.85 -6.96
CA TYR A 102 12.07 13.25 -6.36
C TYR A 102 12.35 12.83 -4.93
N ILE A 103 11.51 13.30 -4.01
CA ILE A 103 11.60 12.93 -2.61
C ILE A 103 10.42 12.03 -2.25
N GLU A 104 10.69 10.73 -2.17
CA GLU A 104 9.63 9.73 -1.98
C GLU A 104 8.85 9.93 -0.68
N GLY A 105 9.55 10.33 0.38
CA GLY A 105 8.94 10.52 1.69
C GLY A 105 7.78 11.49 1.74
N ILE A 106 7.79 12.47 0.84
CA ILE A 106 6.69 13.43 0.73
C ILE A 106 5.95 13.29 -0.60
N GLY A 107 6.25 12.23 -1.35
CA GLY A 107 5.62 11.98 -2.64
C GLY A 107 5.68 13.18 -3.57
N THR A 108 6.78 13.90 -3.52
CA THR A 108 6.91 15.15 -4.26
C THR A 108 8.16 15.15 -5.12
N PHE A 109 8.02 15.59 -6.36
CA PHE A 109 9.21 15.85 -7.17
C PHE A 109 9.28 17.29 -7.67
N PHE A 110 10.50 17.81 -7.68
CA PHE A 110 10.77 19.21 -7.93
C PHE A 110 11.60 19.33 -9.20
N THR A 111 11.26 20.33 -10.02
CA THR A 111 12.01 20.62 -11.24
C THR A 111 11.74 22.05 -11.69
N TYR A 112 12.14 22.38 -12.92
CA TYR A 112 12.00 23.74 -13.41
C TYR A 112 11.89 23.78 -14.92
N GLU A 113 11.16 24.77 -15.44
CA GLU A 113 11.09 25.02 -16.87
C GLU A 113 12.44 25.57 -17.33
N ARG A 114 12.81 25.29 -18.57
CA ARG A 114 14.09 25.73 -19.10
C ARG A 114 14.03 25.94 -20.62
N THR A 115 14.86 26.84 -21.11
CA THR A 115 15.06 27.00 -22.55
C THR A 115 16.08 25.96 -23.03
N PRO A 116 16.14 25.72 -24.36
CA PRO A 116 17.15 24.82 -24.95
C PRO A 116 18.59 25.24 -24.66
N GLN A 117 18.81 26.53 -24.47
CA GLN A 117 20.16 27.05 -24.17
C GLN A 117 20.64 26.58 -22.80
N GLU A 118 19.73 26.50 -21.84
CA GLU A 118 20.10 26.22 -20.44
C GLU A 118 20.32 24.73 -20.20
N SER A 119 19.62 23.88 -20.96
CA SER A 119 19.76 22.43 -20.80
C SER A 119 19.49 21.68 -22.10
N ILE A 120 20.17 20.55 -22.27
CA ILE A 120 19.94 19.67 -23.42
C ILE A 120 18.66 18.85 -23.26
N TYR A 121 18.09 18.84 -22.04
CA TYR A 121 16.85 18.13 -21.76
C TYR A 121 15.71 19.11 -21.63
N SER A 122 14.56 18.78 -22.22
CA SER A 122 13.35 19.58 -22.09
C SER A 122 12.68 19.29 -20.74
N LEU A 123 11.79 20.18 -20.33
CA LEU A 123 11.02 19.99 -19.11
C LEU A 123 10.26 18.66 -19.12
N GLU A 124 9.59 18.37 -20.22
CA GLU A 124 8.84 17.12 -20.34
C GLU A 124 9.77 15.92 -20.17
N GLU A 125 10.97 16.03 -20.73
CA GLU A 125 11.96 14.96 -20.67
C GLU A 125 12.39 14.68 -19.24
N LEU A 126 12.71 15.75 -18.51
CA LEU A 126 13.10 15.62 -17.12
C LEU A 126 11.89 15.22 -16.25
N PHE A 127 10.72 15.76 -16.57
CA PHE A 127 9.48 15.39 -15.89
C PHE A 127 9.25 13.87 -15.98
N ARG A 128 9.39 13.34 -17.19
CA ARG A 128 9.19 11.91 -17.45
C ARG A 128 10.17 11.05 -16.66
N HIS A 129 11.43 11.50 -16.61
CA HIS A 129 12.48 10.83 -15.84
C HIS A 129 12.13 10.81 -14.37
N GLU A 130 11.75 11.96 -13.84
CA GLU A 130 11.44 12.08 -12.41
C GLU A 130 10.18 11.34 -12.04
N PHE A 131 9.22 11.31 -12.97
CA PHE A 131 8.01 10.56 -12.74
C PHE A 131 8.29 9.07 -12.56
N THR A 132 9.29 8.55 -13.27
CA THR A 132 9.65 7.14 -13.15
C THR A 132 10.15 6.79 -11.74
N HIS A 133 10.87 7.71 -11.10
CA HIS A 133 11.28 7.52 -9.70
C HIS A 133 10.11 7.36 -8.80
N TYR A 134 9.08 8.17 -9.04
CA TYR A 134 7.83 8.05 -8.30
C TYR A 134 7.21 6.67 -8.51
N LEU A 135 7.22 6.21 -9.77
CA LEU A 135 6.67 4.90 -10.11
C LEU A 135 7.49 3.80 -9.46
N GLN A 136 8.81 3.93 -9.49
CA GLN A 136 9.68 2.93 -8.87
C GLN A 136 9.46 2.85 -7.35
N GLY A 137 9.36 4.01 -6.72
CA GLY A 137 9.13 4.08 -5.28
C GLY A 137 7.83 3.44 -4.88
N ARG A 138 6.77 3.71 -5.65
CA ARG A 138 5.43 3.26 -5.33
C ARG A 138 5.19 1.79 -5.66
N TYR A 139 5.69 1.32 -6.80
CA TYR A 139 5.32 -0.01 -7.29
C TYR A 139 6.46 -1.01 -7.43
N LEU A 140 7.71 -0.58 -7.29
CA LEU A 140 8.85 -1.46 -7.59
C LEU A 140 9.76 -1.74 -6.39
N ILE A 141 10.11 -0.71 -5.63
CA ILE A 141 11.06 -0.85 -4.53
C ILE A 141 10.36 -0.69 -3.17
N PRO A 142 10.36 -1.75 -2.35
CA PRO A 142 9.78 -1.67 -1.01
C PRO A 142 10.54 -0.73 -0.08
N GLY A 143 9.83 -0.14 0.88
CA GLY A 143 10.41 0.84 1.79
C GLY A 143 10.63 2.17 1.13
N LEU A 144 11.23 3.10 1.86
CA LEU A 144 11.50 4.45 1.35
C LEU A 144 12.93 4.54 0.80
N PHE A 145 13.12 5.50 -0.10
CA PHE A 145 14.43 5.76 -0.69
C PHE A 145 15.49 5.89 0.39
N ASN A 146 16.61 5.21 0.19
CA ASN A 146 17.72 5.18 1.14
C ASN A 146 17.42 4.50 2.50
N LYS A 147 16.21 3.98 2.68
CA LYS A 147 15.82 3.35 3.95
C LYS A 147 15.38 1.89 3.82
N GLY A 148 14.78 1.55 2.67
CA GLY A 148 14.36 0.19 2.40
C GLY A 148 15.55 -0.76 2.37
N ASP A 149 15.26 -2.06 2.36
CA ASP A 149 16.31 -3.08 2.40
C ASP A 149 17.26 -3.00 1.21
N PHE A 150 16.76 -2.59 0.04
CA PHE A 150 17.63 -2.45 -1.14
C PHE A 150 18.69 -1.38 -0.98
N TYR A 151 18.47 -0.44 -0.06
CA TYR A 151 19.44 0.61 0.23
C TYR A 151 20.33 0.34 1.44
N LYS A 152 19.89 -0.52 2.35
CA LYS A 152 20.65 -0.80 3.57
C LYS A 152 21.84 -1.65 3.15
N GLY A 153 22.94 -1.59 3.89
CA GLY A 153 24.13 -2.36 3.53
C GLY A 153 24.90 -1.67 2.44
N ASN A 154 24.74 -2.13 1.18
CA ASN A 154 25.33 -1.44 0.04
C ASN A 154 24.31 -0.42 -0.47
N ASN A 155 24.53 0.84 -0.13
CA ASN A 155 23.60 1.91 -0.47
C ASN A 155 23.45 2.14 -1.97
N GLY A 156 24.47 1.79 -2.74
CA GLY A 156 24.45 2.02 -4.19
C GLY A 156 24.16 0.80 -5.03
N ARG A 157 23.59 -0.25 -4.44
CA ARG A 157 23.43 -1.52 -5.15
C ARG A 157 22.42 -1.47 -6.31
N ILE A 158 21.38 -0.67 -6.16
CA ILE A 158 20.33 -0.58 -7.18
C ILE A 158 20.43 0.70 -8.03
N THR A 159 21.45 1.52 -7.76
CA THR A 159 21.51 2.87 -8.31
C THR A 159 21.59 2.91 -9.84
N TRP A 160 22.37 2.01 -10.44
CA TRP A 160 22.49 1.97 -11.89
C TRP A 160 21.16 1.70 -12.55
N PHE A 161 20.36 0.81 -11.96
CA PHE A 161 19.08 0.44 -12.53
C PHE A 161 18.04 1.51 -12.26
N GLU A 162 18.06 2.04 -11.04
CA GLU A 162 17.10 3.07 -10.64
C GLU A 162 17.20 4.30 -11.55
N GLU A 163 18.43 4.74 -11.81
CA GLU A 163 18.63 5.88 -12.71
C GLU A 163 18.57 5.51 -14.18
N GLY A 164 19.15 4.37 -14.54
CA GLY A 164 19.13 3.91 -15.93
C GLY A 164 17.73 3.67 -16.46
N SER A 165 16.90 3.00 -15.67
CA SER A 165 15.51 2.73 -16.07
C SER A 165 14.67 4.01 -16.09
N ALA A 166 14.96 4.95 -15.19
CA ALA A 166 14.27 6.24 -15.18
C ALA A 166 14.52 7.00 -16.49
N GLU A 167 15.77 6.97 -16.95
CA GLU A 167 16.11 7.57 -18.23
C GLU A 167 15.42 6.84 -19.37
N PHE A 168 15.44 5.51 -19.30
CA PHE A 168 14.82 4.66 -20.30
C PHE A 168 13.31 4.86 -20.39
N PHE A 169 12.62 4.80 -19.25
CA PHE A 169 11.16 4.96 -19.23
C PHE A 169 10.69 6.35 -19.67
N ALA A 170 11.58 7.33 -19.66
CA ALA A 170 11.27 8.67 -20.15
C ALA A 170 10.97 8.69 -21.66
N GLY A 171 11.40 7.64 -22.36
CA GLY A 171 11.12 7.49 -23.79
C GLY A 171 9.83 6.75 -24.09
N SER A 172 8.96 6.63 -23.09
CA SER A 172 7.69 5.92 -23.26
C SER A 172 6.75 6.62 -24.25
N THR A 173 6.08 5.81 -25.05
CA THR A 173 5.00 6.27 -25.93
C THR A 173 3.78 5.45 -25.56
N ARG A 174 2.70 5.61 -26.32
CA ARG A 174 1.48 4.87 -26.07
C ARG A 174 1.62 3.37 -26.33
N THR A 175 2.57 2.99 -27.18
CA THR A 175 2.76 1.57 -27.53
C THR A 175 4.11 0.95 -27.18
N SER A 176 5.10 1.76 -26.84
CA SER A 176 6.44 1.23 -26.59
C SER A 176 7.30 2.18 -25.76
N VAL A 177 8.55 1.79 -25.58
CA VAL A 177 9.57 2.67 -25.02
C VAL A 177 10.62 2.85 -26.10
N LEU A 178 10.70 4.08 -26.64
CA LEU A 178 11.58 4.36 -27.76
C LEU A 178 12.82 5.12 -27.32
N PRO A 179 13.92 4.96 -28.09
CA PRO A 179 15.16 5.61 -27.70
C PRO A 179 15.08 7.12 -27.70
N ARG A 180 15.81 7.75 -26.79
CA ARG A 180 15.87 9.18 -26.68
C ARG A 180 17.13 9.68 -27.37
N LYS A 181 16.96 10.64 -28.26
CA LYS A 181 18.09 11.24 -28.97
C LYS A 181 19.11 11.83 -27.99
N SER A 182 18.63 12.51 -26.95
CA SER A 182 19.50 13.16 -25.98
C SER A 182 20.36 12.17 -25.21
N MET A 183 19.79 11.01 -24.86
CA MET A 183 20.55 9.96 -24.17
C MET A 183 21.50 9.23 -25.12
N VAL A 184 21.02 8.88 -26.31
CA VAL A 184 21.86 8.20 -27.30
C VAL A 184 23.04 9.08 -27.71
N GLY A 185 22.80 10.37 -27.89
CA GLY A 185 23.85 11.33 -28.22
C GLY A 185 24.93 11.40 -27.15
N GLY A 186 24.56 11.15 -25.90
CA GLY A 186 25.50 11.15 -24.78
C GLY A 186 26.44 9.96 -24.78
N LEU A 187 26.05 8.87 -25.44
CA LEU A 187 26.91 7.70 -25.53
C LEU A 187 28.16 8.05 -26.33
N SER A 188 29.30 7.55 -25.89
CA SER A 188 30.56 7.83 -26.55
C SER A 188 30.54 7.31 -27.98
N LYS A 189 31.18 8.05 -28.89
CA LYS A 189 31.29 7.66 -30.28
C LYS A 189 32.35 6.57 -30.44
N ASN A 190 33.33 6.57 -29.53
CA ASN A 190 34.37 5.53 -29.48
C ASN A 190 33.89 4.33 -28.66
N PRO A 191 33.78 3.14 -29.28
CA PRO A 191 33.36 1.92 -28.58
C PRO A 191 34.17 1.60 -27.32
N LYS A 192 35.48 1.85 -27.37
CA LYS A 192 36.38 1.58 -26.24
C LYS A 192 36.07 2.42 -25.00
N GLU A 193 35.52 3.61 -25.21
CA GLU A 193 35.23 4.53 -24.11
C GLU A 193 33.96 4.20 -23.33
N ARG A 194 33.11 3.37 -23.92
CA ARG A 194 31.82 3.05 -23.30
C ARG A 194 31.98 2.12 -22.10
N PHE A 195 31.06 2.25 -21.15
CA PHE A 195 31.03 1.39 -19.96
C PHE A 195 30.79 -0.05 -20.41
N ASN A 196 31.48 -1.00 -19.77
CA ASN A 196 31.05 -2.39 -19.85
C ASN A 196 29.97 -2.65 -18.81
N ALA A 197 29.36 -3.83 -18.87
CA ALA A 197 28.25 -4.18 -17.98
C ALA A 197 28.66 -4.18 -16.51
N ASP A 198 29.82 -4.78 -16.23
CA ASP A 198 30.34 -4.87 -14.87
C ASP A 198 30.51 -3.48 -14.23
N LYS A 199 31.08 -2.56 -15.00
CA LYS A 199 31.28 -1.17 -14.56
C LYS A 199 29.94 -0.50 -14.28
N LEU A 200 28.99 -0.67 -15.20
CA LEU A 200 27.66 -0.09 -15.05
C LEU A 200 26.93 -0.66 -13.84
N LEU A 201 26.94 -1.99 -13.72
CA LEU A 201 26.16 -2.68 -12.69
C LEU A 201 26.63 -2.38 -11.26
N HIS A 202 27.80 -1.78 -11.10
CA HIS A 202 28.30 -1.38 -9.78
C HIS A 202 28.48 0.10 -9.65
N SER A 203 27.86 0.87 -10.54
CA SER A 203 27.99 2.33 -10.50
C SER A 203 27.26 2.90 -9.28
N LYS A 204 27.64 4.11 -8.87
CA LYS A 204 27.04 4.79 -7.74
C LYS A 204 27.04 6.30 -7.96
N TYR A 205 26.27 7.03 -7.17
CA TYR A 205 26.10 8.48 -7.36
C TYR A 205 27.41 9.26 -7.29
N SER A 206 28.32 8.84 -6.42
CA SER A 206 29.62 9.50 -6.28
C SER A 206 30.53 9.32 -7.51
N ASP A 207 30.22 8.35 -8.36
CA ASP A 207 30.96 8.14 -9.61
C ASP A 207 30.75 9.27 -10.62
N GLY A 208 29.66 10.03 -10.50
CA GLY A 208 29.38 11.14 -11.41
C GLY A 208 28.09 10.90 -12.15
N TRP A 209 28.02 11.37 -13.39
CA TRP A 209 26.77 11.32 -14.16
C TRP A 209 26.80 10.43 -15.38
N ASP A 210 27.96 9.86 -15.72
CA ASP A 210 28.07 9.04 -16.93
C ASP A 210 27.23 7.77 -16.91
N PHE A 211 27.13 7.14 -15.75
CA PHE A 211 26.40 5.87 -15.63
C PHE A 211 24.90 6.01 -15.95
N TYR A 212 24.38 7.24 -15.89
CA TYR A 212 23.01 7.50 -16.31
C TYR A 212 22.80 7.08 -17.76
N LYS A 213 23.67 7.57 -18.65
CA LYS A 213 23.60 7.26 -20.08
C LYS A 213 23.81 5.77 -20.36
N TYR A 214 24.79 5.17 -19.70
CA TYR A 214 25.08 3.76 -19.94
C TYR A 214 24.07 2.84 -19.28
N GLY A 215 23.54 3.25 -18.13
CA GLY A 215 22.43 2.56 -17.49
C GLY A 215 21.19 2.64 -18.37
N TYR A 216 20.96 3.81 -18.94
CA TYR A 216 19.90 3.97 -19.93
C TYR A 216 20.07 2.98 -21.08
N ALA A 217 21.28 2.89 -21.60
CA ALA A 217 21.56 2.01 -22.76
C ALA A 217 21.33 0.55 -22.42
N PHE A 218 21.73 0.17 -21.21
CA PHE A 218 21.56 -1.21 -20.73
C PHE A 218 20.07 -1.57 -20.57
N SER A 219 19.29 -0.63 -20.05
CA SER A 219 17.85 -0.81 -19.93
C SER A 219 17.24 -1.06 -21.30
N ASP A 220 17.61 -0.25 -22.29
CA ASP A 220 17.09 -0.41 -23.64
C ASP A 220 17.54 -1.73 -24.24
N TYR A 221 18.77 -2.12 -23.94
CA TYR A 221 19.27 -3.44 -24.35
C TYR A 221 18.39 -4.55 -23.78
N MET A 222 18.11 -4.50 -22.48
CA MET A 222 17.28 -5.53 -21.86
C MET A 222 15.89 -5.58 -22.48
N TYR A 223 15.28 -4.41 -22.64
CA TYR A 223 13.93 -4.31 -23.16
C TYR A 223 13.80 -4.90 -24.56
N ASN A 224 14.79 -4.61 -25.41
CA ASN A 224 14.75 -5.06 -26.79
C ASN A 224 15.36 -6.46 -26.99
N ASN A 225 16.40 -6.77 -26.22
CA ASN A 225 17.17 -7.99 -26.47
C ASN A 225 17.30 -8.98 -25.31
N ASN A 226 16.96 -8.57 -24.09
CA ASN A 226 17.03 -9.47 -22.94
C ASN A 226 15.91 -9.19 -21.93
N LYS A 227 14.67 -9.41 -22.38
CA LYS A 227 13.49 -9.18 -21.56
C LYS A 227 13.47 -10.07 -20.31
N LYS A 228 14.06 -11.25 -20.42
CA LYS A 228 14.15 -12.19 -19.30
C LYS A 228 14.96 -11.62 -18.14
N LEU A 229 16.09 -10.98 -18.45
CA LEU A 229 16.90 -10.34 -17.42
C LEU A 229 16.12 -9.17 -16.78
N PHE A 230 15.46 -8.37 -17.61
CA PHE A 230 14.65 -7.26 -17.11
C PHE A 230 13.59 -7.80 -16.15
N SER A 231 12.88 -8.83 -16.59
CA SER A 231 11.81 -9.44 -15.82
C SER A 231 12.30 -9.98 -14.49
N ASP A 232 13.40 -10.73 -14.53
CA ASP A 232 13.99 -11.29 -13.31
C ASP A 232 14.47 -10.23 -12.35
N LEU A 233 15.04 -9.15 -12.87
CA LEU A 233 15.50 -8.05 -12.02
C LEU A 233 14.35 -7.41 -11.24
N VAL A 234 13.26 -7.09 -11.94
CA VAL A 234 12.12 -6.40 -11.31
C VAL A 234 11.38 -7.32 -10.33
N SER A 235 11.41 -8.63 -10.60
CA SER A 235 10.79 -9.59 -9.69
C SER A 235 11.48 -9.62 -8.32
N THR A 236 12.80 -9.63 -8.31
CA THR A 236 13.55 -9.59 -7.05
C THR A 236 13.31 -8.28 -6.30
N MET A 237 13.21 -7.18 -7.05
CA MET A 237 12.93 -5.90 -6.45
C MET A 237 11.58 -5.89 -5.75
N LYS A 238 10.54 -6.29 -6.48
CA LYS A 238 9.19 -6.32 -5.93
C LYS A 238 9.09 -7.21 -4.70
N ASN A 239 9.84 -8.32 -4.72
CA ASN A 239 9.85 -9.28 -3.62
C ASN A 239 10.73 -8.87 -2.46
N ASN A 240 11.44 -7.75 -2.60
CA ASN A 240 12.39 -7.29 -1.60
C ASN A 240 13.48 -8.34 -1.41
N ASP A 241 13.81 -9.04 -2.50
CA ASP A 241 14.78 -10.13 -2.46
C ASP A 241 16.16 -9.59 -2.83
N VAL A 242 16.79 -8.94 -1.86
CA VAL A 242 18.08 -8.28 -2.07
C VAL A 242 19.17 -9.27 -2.47
N LYS A 243 19.23 -10.42 -1.80
CA LYS A 243 20.22 -11.44 -2.13
C LYS A 243 20.03 -11.94 -3.55
N GLY A 244 18.79 -12.19 -3.95
CA GLY A 244 18.46 -12.64 -5.30
C GLY A 244 18.86 -11.62 -6.36
N TYR A 245 18.62 -10.34 -6.08
CA TYR A 245 19.08 -9.28 -6.94
C TYR A 245 20.61 -9.29 -7.06
N GLU A 246 21.29 -9.36 -5.92
CA GLU A 246 22.76 -9.34 -5.91
C GLU A 246 23.36 -10.51 -6.68
N ALA A 247 22.78 -11.69 -6.51
CA ALA A 247 23.20 -12.86 -7.27
C ALA A 247 23.03 -12.60 -8.77
N LEU A 248 21.89 -11.98 -9.12
CA LEU A 248 21.59 -11.67 -10.52
C LEU A 248 22.57 -10.65 -11.10
N ILE A 249 22.98 -9.68 -10.28
CA ILE A 249 23.95 -8.68 -10.71
C ILE A 249 25.33 -9.30 -10.93
N GLU A 250 25.74 -10.19 -10.03
CA GLU A 250 27.04 -10.84 -10.16
C GLU A 250 27.10 -11.74 -11.38
N GLU A 251 26.04 -12.51 -11.62
CA GLU A 251 25.98 -13.39 -12.79
C GLU A 251 26.06 -12.56 -14.07
N SER A 252 25.27 -11.49 -14.11
CA SER A 252 25.18 -10.64 -15.28
C SER A 252 26.47 -9.87 -15.57
N SER A 253 27.14 -9.41 -14.52
CA SER A 253 28.38 -8.65 -14.66
C SER A 253 29.51 -9.48 -15.25
N LYS A 254 29.59 -10.74 -14.83
CA LYS A 254 30.66 -11.63 -15.28
C LYS A 254 30.28 -12.46 -16.50
N ASP A 255 29.08 -12.22 -17.06
CA ASP A 255 28.65 -12.89 -18.28
C ASP A 255 29.18 -12.13 -19.48
N SER A 256 30.16 -12.73 -20.16
CA SER A 256 30.79 -12.08 -21.31
C SER A 256 29.84 -11.94 -22.49
N LYS A 257 28.84 -12.83 -22.60
CA LYS A 257 27.86 -12.73 -23.66
C LYS A 257 26.93 -11.54 -23.45
N ILE A 258 26.53 -11.32 -22.20
CA ILE A 258 25.70 -10.17 -21.86
C ILE A 258 26.44 -8.87 -22.17
N ASN A 259 27.70 -8.77 -21.78
CA ASN A 259 28.49 -7.60 -22.10
C ASN A 259 28.65 -7.39 -23.61
N LYS A 260 28.92 -8.47 -24.33
CA LYS A 260 29.05 -8.42 -25.80
C LYS A 260 27.77 -7.91 -26.45
N ASP A 261 26.62 -8.47 -26.07
CA ASP A 261 25.33 -8.07 -26.63
C ASP A 261 24.95 -6.66 -26.23
N TYR A 262 25.32 -6.28 -25.01
CA TYR A 262 25.13 -4.92 -24.51
C TYR A 262 25.91 -3.91 -25.36
N GLU A 263 27.18 -4.22 -25.64
CA GLU A 263 28.03 -3.35 -26.46
C GLU A 263 27.56 -3.31 -27.90
N TYR A 264 27.03 -4.43 -28.39
CA TYR A 264 26.46 -4.48 -29.74
C TYR A 264 25.21 -3.61 -29.82
N HIS A 265 24.41 -3.61 -28.76
CA HIS A 265 23.20 -2.78 -28.72
C HIS A 265 23.51 -1.32 -28.72
N MET A 266 24.57 -0.92 -28.02
CA MET A 266 24.99 0.47 -27.98
C MET A 266 25.48 0.94 -29.34
N GLU A 267 26.28 0.11 -30.03
CA GLU A 267 26.71 0.40 -31.39
C GLU A 267 25.51 0.68 -32.30
N ASN A 268 24.51 -0.20 -32.22
CA ASN A 268 23.28 -0.04 -32.99
C ASN A 268 22.52 1.24 -32.62
N LEU A 269 22.47 1.55 -31.32
CA LEU A 269 21.88 2.80 -30.86
C LEU A 269 22.62 4.01 -31.44
N VAL A 270 23.93 4.03 -31.25
CA VAL A 270 24.75 5.13 -31.75
C VAL A 270 24.66 5.25 -33.27
N ASN A 271 24.62 4.11 -33.97
CA ASN A 271 24.48 4.10 -35.44
C ASN A 271 23.18 4.70 -35.94
N ASN A 272 22.11 4.54 -35.15
CA ASN A 272 20.78 5.05 -35.52
C ASN A 272 20.48 6.42 -34.92
N TYR A 273 21.49 7.11 -34.42
CA TYR A 273 21.31 8.38 -33.71
C TYR A 273 20.42 9.37 -34.46
N ASP A 274 20.64 9.50 -35.76
CA ASP A 274 19.87 10.42 -36.60
C ASP A 274 18.39 10.02 -36.74
N ASN A 275 18.10 8.73 -36.58
CA ASN A 275 16.72 8.24 -36.66
C ASN A 275 15.86 8.58 -35.42
N TYR A 276 16.52 8.92 -34.30
CA TYR A 276 15.79 9.17 -33.04
C TYR A 276 15.40 10.63 -32.86
N THR A 277 14.32 10.82 -32.10
CA THR A 277 13.85 12.15 -31.71
C THR A 277 13.58 12.08 -30.22
N ILE A 278 13.26 13.22 -29.63
CA ILE A 278 12.82 13.26 -28.24
C ILE A 278 11.35 12.88 -28.16
N PRO A 279 11.02 11.70 -27.58
CA PRO A 279 9.61 11.37 -27.45
C PRO A 279 8.88 12.35 -26.52
N LEU A 280 7.95 13.11 -27.09
CA LEU A 280 7.09 14.00 -26.33
C LEU A 280 5.62 13.77 -26.72
N VAL A 281 4.71 14.23 -25.87
CA VAL A 281 3.28 13.98 -26.07
C VAL A 281 2.74 14.72 -27.30
N SER A 282 1.78 14.10 -27.98
CA SER A 282 1.22 14.68 -29.20
C SER A 282 0.17 15.74 -28.88
N ASP A 283 -0.19 16.50 -29.90
CA ASP A 283 -1.24 17.52 -29.81
C ASP A 283 -2.64 16.91 -29.64
N ASP A 284 -2.77 15.60 -29.85
CA ASP A 284 -4.04 14.90 -29.72
C ASP A 284 -4.68 15.03 -28.34
N TYR A 285 -3.86 15.24 -27.32
CA TYR A 285 -4.35 15.35 -25.94
C TYR A 285 -5.06 16.68 -25.67
N MET A 286 -4.67 17.72 -26.41
CA MET A 286 -5.23 19.06 -26.19
C MET A 286 -6.49 19.33 -26.99
N LYS A 287 -6.66 18.62 -28.12
CA LYS A 287 -7.79 18.85 -29.03
C LYS A 287 -9.14 18.59 -28.37
N GLN A 288 -10.12 19.45 -28.72
CA GLN A 288 -11.49 19.24 -28.32
C GLN A 288 -12.10 18.14 -29.19
N TYR A 289 -12.85 17.24 -28.56
CA TYR A 289 -13.50 16.16 -29.28
C TYR A 289 -14.98 16.15 -28.99
N ASP A 290 -15.75 15.47 -29.84
CA ASP A 290 -17.17 15.25 -29.60
C ASP A 290 -17.30 14.44 -28.32
N ASN A 291 -18.35 14.73 -27.55
CA ASN A 291 -18.66 13.94 -26.36
C ASN A 291 -19.00 12.53 -26.81
N LYS A 292 -18.43 11.54 -26.11
CA LYS A 292 -18.78 10.15 -26.34
C LYS A 292 -19.15 9.54 -25.00
N SER A 293 -20.21 8.75 -24.99
CA SER A 293 -20.72 8.16 -23.76
C SER A 293 -19.71 7.20 -23.14
N LEU A 294 -19.77 7.09 -21.81
CA LEU A 294 -18.92 6.17 -21.05
C LEU A 294 -19.28 4.73 -21.42
N HIS A 295 -20.57 4.46 -21.57
CA HIS A 295 -21.04 3.14 -22.01
C HIS A 295 -20.55 2.78 -23.38
N GLU A 296 -20.49 3.76 -24.26
CA GLU A 296 -19.99 3.55 -25.62
C GLU A 296 -18.49 3.28 -25.64
N ILE A 297 -17.74 4.02 -24.83
CA ILE A 297 -16.30 3.84 -24.71
C ILE A 297 -15.98 2.44 -24.19
N LYS A 298 -16.67 2.05 -23.13
CA LYS A 298 -16.50 0.72 -22.55
C LYS A 298 -16.77 -0.38 -23.57
N SER A 299 -17.83 -0.21 -24.35
CA SER A 299 -18.22 -1.18 -25.36
C SER A 299 -17.14 -1.32 -26.45
N ASP A 300 -16.65 -0.20 -26.96
CA ASP A 300 -15.60 -0.22 -27.98
C ASP A 300 -14.32 -0.86 -27.47
N ILE A 301 -13.92 -0.49 -26.24
CA ILE A 301 -12.71 -1.04 -25.63
C ILE A 301 -12.84 -2.54 -25.37
N GLU A 302 -14.01 -2.97 -24.90
CA GLU A 302 -14.27 -4.40 -24.69
C GLU A 302 -14.17 -5.18 -25.99
N LYS A 303 -14.76 -4.65 -27.06
CA LYS A 303 -14.64 -5.25 -28.39
C LYS A 303 -13.18 -5.24 -28.87
N ALA A 304 -12.51 -4.11 -28.71
CA ALA A 304 -11.13 -3.97 -29.17
C ALA A 304 -10.15 -4.89 -28.44
N MET A 305 -10.34 -5.06 -27.14
CA MET A 305 -9.43 -5.86 -26.31
C MET A 305 -9.91 -7.30 -26.10
N ASP A 306 -11.12 -7.61 -26.58
CA ASP A 306 -11.73 -8.92 -26.36
C ASP A 306 -11.77 -9.27 -24.86
N VAL A 307 -12.33 -8.35 -24.07
CA VAL A 307 -12.58 -8.59 -22.66
C VAL A 307 -14.05 -8.29 -22.39
N LYS A 308 -14.59 -8.88 -21.33
CA LYS A 308 -16.00 -8.73 -20.97
C LYS A 308 -16.15 -8.35 -19.50
N ASN A 309 -17.35 -7.88 -19.15
CA ASN A 309 -17.68 -7.51 -17.78
C ASN A 309 -16.67 -6.53 -17.17
N SER A 310 -16.15 -5.62 -17.99
CA SER A 310 -15.21 -4.63 -17.50
C SER A 310 -15.94 -3.62 -16.63
N GLN A 311 -15.18 -2.88 -15.84
CA GLN A 311 -15.70 -1.80 -15.02
C GLN A 311 -15.05 -0.50 -15.49
N ILE A 312 -15.88 0.49 -15.84
CA ILE A 312 -15.37 1.78 -16.27
C ILE A 312 -15.74 2.85 -15.26
N THR A 313 -14.79 3.70 -14.90
CA THR A 313 -14.99 4.71 -13.89
C THR A 313 -14.49 6.07 -14.37
N LYS A 314 -15.33 7.08 -14.21
CA LYS A 314 -14.98 8.46 -14.56
C LYS A 314 -14.16 9.09 -13.45
N GLU A 315 -13.16 9.89 -13.83
CA GLU A 315 -12.37 10.66 -12.87
C GLU A 315 -12.30 12.11 -13.34
N SER A 316 -12.26 13.04 -12.39
CA SER A 316 -12.25 14.46 -12.72
C SER A 316 -10.88 15.09 -12.49
N SER A 317 -10.44 15.87 -13.49
CA SER A 317 -9.29 16.74 -13.36
C SER A 317 -9.77 18.17 -13.54
N GLN A 318 -8.85 19.12 -13.40
CA GLN A 318 -9.20 20.54 -13.36
C GLN A 318 -9.89 21.02 -14.64
N TYR A 319 -9.35 20.65 -15.79
CA TYR A 319 -9.84 21.15 -17.08
C TYR A 319 -10.42 20.05 -17.98
N PHE A 320 -10.54 18.83 -17.45
CA PHE A 320 -11.13 17.71 -18.19
C PHE A 320 -11.51 16.55 -17.28
N ASP A 321 -12.32 15.65 -17.83
CA ASP A 321 -12.62 14.37 -17.20
C ASP A 321 -11.96 13.25 -17.98
N THR A 322 -11.58 12.19 -17.26
CA THR A 322 -10.94 11.02 -17.84
C THR A 322 -11.70 9.80 -17.36
N TYR A 323 -11.34 8.64 -17.90
CA TYR A 323 -11.93 7.39 -17.44
C TYR A 323 -10.84 6.35 -17.21
N ASN A 324 -11.13 5.41 -16.32
CA ASN A 324 -10.32 4.21 -16.13
C ASN A 324 -11.20 3.01 -16.42
N LEU A 325 -10.76 2.14 -17.32
CA LEU A 325 -11.45 0.89 -17.57
C LEU A 325 -10.62 -0.24 -17.01
N LYS A 326 -11.21 -1.03 -16.12
CA LYS A 326 -10.54 -2.16 -15.51
C LYS A 326 -11.18 -3.45 -16.01
N ALA A 327 -10.35 -4.41 -16.39
CA ALA A 327 -10.83 -5.70 -16.86
C ALA A 327 -9.80 -6.77 -16.56
N THR A 328 -10.18 -8.02 -16.80
CA THR A 328 -9.25 -9.13 -16.71
C THR A 328 -9.20 -9.80 -18.08
N TYR A 329 -8.04 -10.37 -18.39
CA TYR A 329 -7.90 -11.12 -19.62
C TYR A 329 -7.21 -12.44 -19.31
N THR A 330 -7.80 -13.53 -19.79
CA THR A 330 -7.28 -14.86 -19.53
C THR A 330 -6.57 -15.39 -20.77
N LEU A 331 -5.27 -15.63 -20.63
CA LEU A 331 -4.46 -16.11 -21.73
C LEU A 331 -4.78 -17.59 -21.94
N SER A 332 -5.25 -17.94 -23.15
CA SER A 332 -5.71 -19.30 -23.42
C SER A 332 -4.58 -20.32 -23.34
N SER A 333 -3.38 -19.92 -23.75
CA SER A 333 -2.21 -20.79 -23.70
C SER A 333 -1.06 -20.11 -22.98
N ASN A 334 -0.62 -20.73 -21.88
CA ASN A 334 0.56 -20.26 -21.15
C ASN A 334 1.81 -20.83 -21.81
N LYS A 335 2.58 -19.96 -22.47
CA LYS A 335 3.78 -20.38 -23.18
C LYS A 335 5.07 -19.84 -22.55
N GLY A 336 5.01 -19.45 -21.28
CA GLY A 336 6.17 -18.91 -20.58
C GLY A 336 6.15 -17.40 -20.46
N GLU A 337 6.91 -16.87 -19.50
CA GLU A 337 6.82 -15.46 -19.08
C GLU A 337 7.04 -14.46 -20.22
N ILE A 338 8.13 -14.63 -20.98
CA ILE A 338 8.47 -13.65 -22.01
C ILE A 338 7.55 -13.76 -23.22
N SER A 339 7.29 -14.98 -23.69
CA SER A 339 6.35 -15.17 -24.80
C SER A 339 4.95 -14.65 -24.42
N ASN A 340 4.49 -14.94 -23.20
CA ASN A 340 3.24 -14.38 -22.69
C ASN A 340 3.28 -12.85 -22.64
N TRP A 341 4.42 -12.30 -22.22
CA TRP A 341 4.59 -10.86 -22.16
C TRP A 341 4.42 -10.23 -23.51
N ASN A 342 5.11 -10.79 -24.50
CA ASN A 342 5.03 -10.28 -25.88
C ASN A 342 3.63 -10.38 -26.46
N TYR A 343 2.94 -11.47 -26.15
CA TYR A 343 1.56 -11.66 -26.62
C TYR A 343 0.66 -10.56 -26.06
N MET A 344 0.77 -10.32 -24.76
CA MET A 344 -0.06 -9.31 -24.10
C MET A 344 0.28 -7.90 -24.56
N ASN A 345 1.58 -7.63 -24.72
CA ASN A 345 2.03 -6.35 -25.23
C ASN A 345 1.53 -6.10 -26.66
N ASN A 346 1.62 -7.12 -27.50
CA ASN A 346 1.12 -7.00 -28.87
C ASN A 346 -0.40 -6.89 -28.91
N LYS A 347 -1.08 -7.68 -28.09
CA LYS A 347 -2.54 -7.65 -28.04
C LYS A 347 -3.06 -6.29 -27.58
N ILE A 348 -2.44 -5.74 -26.55
CA ILE A 348 -2.87 -4.46 -26.01
C ILE A 348 -2.62 -3.34 -27.03
N ASN A 349 -1.47 -3.41 -27.69
CA ASN A 349 -1.14 -2.44 -28.75
C ASN A 349 -2.08 -2.54 -29.95
N GLU A 350 -2.47 -3.75 -30.31
CA GLU A 350 -3.43 -3.96 -31.38
C GLU A 350 -4.79 -3.35 -31.02
N ALA A 351 -5.18 -3.46 -29.74
CA ALA A 351 -6.41 -2.84 -29.26
C ALA A 351 -6.35 -1.33 -29.42
N LEU A 352 -5.25 -0.73 -28.95
CA LEU A 352 -5.04 0.71 -29.08
C LEU A 352 -5.10 1.19 -30.53
N ASN A 353 -4.50 0.43 -31.44
CA ASN A 353 -4.57 0.76 -32.88
C ASN A 353 -5.99 0.71 -33.43
N LYS A 354 -6.74 -0.32 -33.07
CA LYS A 354 -8.14 -0.47 -33.50
C LYS A 354 -8.98 0.71 -33.03
N LEU A 355 -8.81 1.10 -31.77
CA LEU A 355 -9.52 2.26 -31.22
C LEU A 355 -9.10 3.55 -31.93
N ASP A 356 -7.80 3.69 -32.20
CA ASP A 356 -7.27 4.85 -32.94
C ASP A 356 -7.93 4.97 -34.31
N ASN A 357 -8.13 3.84 -34.97
CA ASN A 357 -8.75 3.82 -36.29
C ASN A 357 -10.25 4.09 -36.28
N LEU A 358 -10.87 4.14 -35.10
CA LEU A 358 -12.29 4.52 -35.01
C LEU A 358 -12.47 6.01 -35.22
N SER A 359 -13.71 6.41 -35.47
CA SER A 359 -14.02 7.79 -35.84
C SER A 359 -13.74 8.79 -34.72
N TRP A 360 -13.98 8.40 -33.47
CA TRP A 360 -13.83 9.32 -32.34
C TRP A 360 -12.39 9.64 -32.06
N GLY A 361 -12.04 10.92 -32.13
CA GLY A 361 -10.67 11.38 -31.94
C GLY A 361 -10.15 11.18 -30.53
N GLY A 362 -11.05 11.00 -29.56
CA GLY A 362 -10.67 10.77 -28.18
C GLY A 362 -9.81 9.54 -27.95
N TYR A 363 -9.94 8.55 -28.82
CA TYR A 363 -9.19 7.31 -28.66
C TYR A 363 -7.68 7.48 -28.84
N LYS A 364 -7.28 8.57 -29.48
CA LYS A 364 -5.86 8.94 -29.57
C LYS A 364 -5.20 9.26 -28.23
N THR A 365 -6.02 9.53 -27.19
CA THR A 365 -5.49 9.81 -25.85
C THR A 365 -5.38 8.57 -24.95
N VAL A 366 -5.71 7.41 -25.48
CA VAL A 366 -5.78 6.19 -24.66
C VAL A 366 -4.41 5.56 -24.44
N THR A 367 -4.15 5.22 -23.18
CA THR A 367 -2.99 4.43 -22.80
C THR A 367 -3.52 3.20 -22.06
N ALA A 368 -2.80 2.10 -22.17
CA ALA A 368 -3.25 0.84 -21.60
C ALA A 368 -2.10 -0.02 -21.15
N TYR A 369 -2.36 -0.87 -20.17
CA TYR A 369 -1.36 -1.82 -19.71
C TYR A 369 -1.98 -3.12 -19.18
N PHE A 370 -1.12 -4.11 -19.04
CA PHE A 370 -1.46 -5.39 -18.44
C PHE A 370 -0.49 -5.62 -17.29
N SER A 371 -0.92 -6.32 -16.25
CA SER A 371 -0.10 -6.51 -15.06
C SER A 371 -0.62 -7.62 -14.15
N ASN A 372 0.20 -7.97 -13.17
CA ASN A 372 -0.16 -8.88 -12.09
C ASN A 372 -0.73 -10.21 -12.58
N PRO A 373 0.06 -10.93 -13.40
CA PRO A 373 -0.37 -12.24 -13.89
C PRO A 373 -0.48 -13.23 -12.74
N ARG A 374 -1.47 -14.10 -12.82
CA ARG A 374 -1.66 -15.16 -11.83
C ARG A 374 -2.33 -16.37 -12.45
N LEU A 375 -2.16 -17.52 -11.83
CA LEU A 375 -2.84 -18.73 -12.27
C LEU A 375 -4.16 -18.87 -11.54
N ASN A 376 -5.25 -19.00 -12.29
CA ASN A 376 -6.55 -19.38 -11.72
C ASN A 376 -6.60 -20.90 -11.50
N SER A 377 -7.67 -21.36 -10.87
CA SER A 377 -7.96 -22.79 -10.79
C SER A 377 -7.95 -23.06 -12.29
N ASN A 378 -7.44 -24.23 -12.70
CA ASN A 378 -7.44 -24.63 -14.13
C ASN A 378 -6.21 -24.08 -14.87
N ASN A 379 -5.23 -23.59 -14.11
CA ASN A 379 -3.88 -23.31 -14.60
C ASN A 379 -3.83 -22.37 -15.81
N GLU A 380 -4.70 -21.36 -15.82
CA GLU A 380 -4.71 -20.39 -16.91
C GLU A 380 -4.13 -19.08 -16.40
N VAL A 381 -3.51 -18.32 -17.29
CA VAL A 381 -2.86 -17.07 -16.89
C VAL A 381 -3.87 -15.92 -17.01
N VAL A 382 -4.22 -15.35 -15.87
CA VAL A 382 -5.15 -14.22 -15.82
C VAL A 382 -4.37 -12.92 -15.59
N TYR A 383 -4.64 -11.94 -16.45
CA TYR A 383 -4.01 -10.62 -16.35
C TYR A 383 -5.04 -9.57 -15.95
N ASP A 384 -4.64 -8.62 -15.11
CA ASP A 384 -5.41 -7.40 -14.93
C ASP A 384 -5.12 -6.51 -16.13
N ILE A 385 -6.15 -5.83 -16.62
CA ILE A 385 -6.04 -4.96 -17.78
C ILE A 385 -6.61 -3.59 -17.41
N VAL A 386 -5.86 -2.54 -17.69
CA VAL A 386 -6.31 -1.18 -17.44
C VAL A 386 -6.15 -0.32 -18.68
N PHE A 387 -7.22 0.36 -19.04
CA PHE A 387 -7.20 1.36 -20.11
C PHE A 387 -7.50 2.71 -19.49
N HIS A 388 -6.78 3.73 -19.92
CA HIS A 388 -6.97 5.10 -19.42
C HIS A 388 -7.09 6.04 -20.59
N GLY A 389 -8.04 6.97 -20.54
CA GLY A 389 -8.20 7.92 -21.62
C GLY A 389 -8.99 9.17 -21.26
N LEU A 390 -8.93 10.16 -22.14
CA LEU A 390 -9.74 11.38 -22.02
C LEU A 390 -11.21 11.04 -22.20
N LEU A 391 -12.06 11.58 -21.34
CA LEU A 391 -13.51 11.46 -21.51
C LEU A 391 -14.01 12.69 -22.24
N SER A 392 -13.74 13.87 -21.67
CA SER A 392 -14.11 15.13 -22.31
C SER A 392 -13.41 16.32 -21.65
N HIS A 393 -13.04 17.31 -22.46
CA HIS A 393 -12.57 18.59 -21.94
C HIS A 393 -13.76 19.40 -21.48
N ASN A 394 -13.53 20.27 -20.51
CA ASN A 394 -14.57 21.16 -20.02
C ASN A 394 -14.76 22.34 -20.98
N ASN B 6 -19.23 -40.33 25.46
CA ASN B 6 -17.92 -39.94 26.07
C ASN B 6 -17.05 -39.23 25.04
N LYS B 7 -15.91 -38.71 25.49
CA LYS B 7 -15.01 -37.93 24.65
C LYS B 7 -14.26 -38.77 23.59
N LEU B 8 -15.01 -39.37 22.68
CA LEU B 8 -14.49 -39.84 21.38
C LEU B 8 -14.44 -38.67 20.40
N ILE B 9 -15.12 -37.58 20.76
CA ILE B 9 -15.07 -36.34 19.97
C ILE B 9 -13.63 -35.85 19.84
N GLU B 10 -12.82 -36.04 20.88
CA GLU B 10 -11.41 -35.63 20.86
C GLU B 10 -10.62 -36.38 19.77
N GLU B 11 -10.93 -37.65 19.57
CA GLU B 11 -10.33 -38.43 18.48
C GLU B 11 -10.71 -37.82 17.13
N GLY B 12 -11.95 -37.36 17.01
CA GLY B 12 -12.40 -36.63 15.84
C GLY B 12 -11.69 -35.30 15.65
N LYS B 13 -11.43 -34.62 16.76
CA LYS B 13 -10.66 -33.38 16.74
C LYS B 13 -9.21 -33.65 16.33
N LYS B 14 -8.59 -34.62 16.98
CA LYS B 14 -7.19 -34.99 16.69
C LYS B 14 -7.01 -35.45 15.24
N HIS B 15 -8.04 -36.07 14.68
CA HIS B 15 -8.00 -36.52 13.29
C HIS B 15 -8.01 -35.35 12.34
N TYR B 16 -9.00 -34.47 12.50
CA TYR B 16 -9.16 -33.32 11.60
C TYR B 16 -8.27 -32.12 11.96
N LEU B 17 -7.87 -32.01 13.23
CA LEU B 17 -6.98 -30.94 13.69
C LEU B 17 -5.77 -31.53 14.42
N PRO B 18 -4.91 -32.27 13.70
CA PRO B 18 -3.79 -32.97 14.35
C PRO B 18 -2.69 -32.04 14.85
N LYS B 19 -2.43 -30.96 14.12
CA LYS B 19 -1.32 -30.06 14.45
C LYS B 19 -1.71 -29.03 15.49
N THR B 20 -0.80 -28.79 16.44
CA THR B 20 -1.00 -27.81 17.49
C THR B 20 0.22 -26.89 17.57
N TYR B 21 -0.03 -25.59 17.64
CA TYR B 21 1.03 -24.59 17.78
C TYR B 21 0.70 -23.68 18.94
N THR B 22 1.70 -23.42 19.79
CA THR B 22 1.50 -22.56 20.96
C THR B 22 2.40 -21.34 20.92
N PHE B 23 1.87 -20.21 21.38
CA PHE B 23 2.62 -18.97 21.44
C PHE B 23 2.43 -18.29 22.80
N ASP B 24 3.34 -17.38 23.12
CA ASP B 24 3.25 -16.56 24.34
C ASP B 24 3.03 -17.37 25.61
N ASN B 25 3.95 -18.30 25.88
CA ASN B 25 3.88 -19.12 27.08
C ASN B 25 2.53 -19.84 27.21
N GLY B 26 1.99 -20.31 26.08
CA GLY B 26 0.73 -21.05 26.07
C GLY B 26 -0.53 -20.20 26.09
N LYS B 27 -0.40 -18.87 26.03
CA LYS B 27 -1.57 -17.98 26.04
C LYS B 27 -2.31 -17.96 24.69
N ILE B 28 -1.65 -18.39 23.62
CA ILE B 28 -2.30 -18.59 22.33
C ILE B 28 -2.05 -20.02 21.88
N ILE B 29 -3.13 -20.75 21.58
CA ILE B 29 -3.05 -22.13 21.12
C ILE B 29 -3.76 -22.27 19.79
N ILE B 30 -3.03 -22.66 18.76
CA ILE B 30 -3.61 -22.83 17.43
C ILE B 30 -3.68 -24.29 17.04
N LYS B 31 -4.90 -24.80 16.89
CA LYS B 31 -5.14 -26.17 16.46
C LYS B 31 -5.53 -26.12 14.98
N ALA B 32 -4.81 -26.88 14.15
CA ALA B 32 -4.94 -26.74 12.70
C ALA B 32 -4.92 -28.08 11.97
N GLY B 33 -5.54 -28.09 10.79
CA GLY B 33 -5.52 -29.26 9.93
C GLY B 33 -4.13 -29.47 9.37
N ASP B 34 -3.84 -30.70 8.92
CA ASP B 34 -2.49 -31.02 8.43
C ASP B 34 -2.04 -30.16 7.24
N LYS B 35 -2.99 -29.74 6.40
CA LYS B 35 -2.67 -29.00 5.17
C LYS B 35 -2.61 -27.48 5.34
N VAL B 36 -2.91 -26.96 6.52
CA VAL B 36 -2.75 -25.52 6.78
C VAL B 36 -1.26 -25.24 6.99
N GLU B 37 -0.70 -24.33 6.19
CA GLU B 37 0.74 -24.12 6.15
C GLU B 37 1.29 -23.61 7.49
N GLU B 38 2.42 -24.17 7.90
CA GLU B 38 3.06 -23.78 9.16
C GLU B 38 3.48 -22.31 9.10
N SER B 39 4.04 -21.90 7.96
CA SER B 39 4.47 -20.53 7.74
C SER B 39 3.30 -19.54 7.82
N LYS B 40 2.14 -19.96 7.32
CA LYS B 40 0.96 -19.11 7.35
C LYS B 40 0.47 -18.92 8.79
N ILE B 41 0.51 -20.00 9.58
CA ILE B 41 0.10 -19.95 10.99
C ILE B 41 0.99 -19.00 11.79
N GLN B 42 2.30 -19.05 11.55
CA GLN B 42 3.25 -18.15 12.19
C GLN B 42 2.92 -16.71 11.81
N LYS B 43 2.61 -16.49 10.53
CA LYS B 43 2.20 -15.17 10.05
C LYS B 43 0.95 -14.65 10.78
N LEU B 44 0.01 -15.56 11.07
CA LEU B 44 -1.22 -15.17 11.77
C LEU B 44 -0.92 -14.61 13.16
N TYR B 45 0.01 -15.23 13.87
CA TYR B 45 0.42 -14.75 15.18
C TYR B 45 0.87 -13.29 15.11
N TRP B 46 1.75 -12.99 14.15
CA TRP B 46 2.27 -11.62 13.98
C TRP B 46 1.20 -10.67 13.55
N ALA B 47 0.27 -11.15 12.72
CA ALA B 47 -0.90 -10.38 12.33
C ALA B 47 -1.73 -9.99 13.55
N SER B 48 -1.87 -10.90 14.50
CA SER B 48 -2.66 -10.63 15.71
C SER B 48 -2.04 -9.48 16.50
N LYS B 49 -0.71 -9.39 16.49
CA LYS B 49 -0.01 -8.33 17.20
C LYS B 49 -0.22 -6.96 16.57
N GLU B 50 -0.27 -6.89 15.24
CA GLU B 50 -0.53 -5.63 14.56
C GLU B 50 -1.94 -5.14 14.89
N VAL B 51 -2.92 -6.02 14.81
CA VAL B 51 -4.31 -5.68 15.16
C VAL B 51 -4.42 -5.29 16.63
N LYS B 52 -3.81 -6.09 17.50
CA LYS B 52 -3.82 -5.85 18.95
C LYS B 52 -3.32 -4.45 19.34
N SER B 53 -2.17 -4.06 18.78
CA SER B 53 -1.57 -2.78 19.11
C SER B 53 -2.41 -1.59 18.59
N GLN B 54 -2.95 -1.70 17.38
CA GLN B 54 -3.82 -0.65 16.85
C GLN B 54 -5.13 -0.58 17.64
N PHE B 55 -5.66 -1.73 18.01
CA PHE B 55 -6.86 -1.82 18.81
C PHE B 55 -6.68 -1.10 20.14
N HIS B 56 -5.58 -1.37 20.84
CA HIS B 56 -5.32 -0.72 22.12
C HIS B 56 -5.09 0.76 21.98
N ARG B 57 -4.41 1.17 20.91
CA ARG B 57 -4.22 2.59 20.65
C ARG B 57 -5.55 3.32 20.58
N ILE B 58 -6.48 2.79 19.80
CA ILE B 58 -7.77 3.46 19.59
C ILE B 58 -8.71 3.27 20.79
N ILE B 59 -8.83 2.04 21.28
CA ILE B 59 -9.73 1.74 22.41
C ILE B 59 -9.25 2.38 23.72
N GLY B 60 -7.94 2.49 23.89
CA GLY B 60 -7.37 3.16 25.06
C GLY B 60 -7.33 2.34 26.33
N ASN B 61 -7.58 1.03 26.23
CA ASN B 61 -7.49 0.11 27.37
C ASN B 61 -6.80 -1.18 26.95
N ASP B 62 -5.86 -1.64 27.78
CA ASP B 62 -5.23 -2.95 27.58
C ASP B 62 -5.37 -3.86 28.81
N LYS B 63 -6.28 -3.51 29.71
CA LYS B 63 -6.57 -4.33 30.88
C LYS B 63 -7.86 -5.12 30.65
N PRO B 64 -7.83 -6.45 30.90
CA PRO B 64 -9.06 -7.22 30.76
C PRO B 64 -10.16 -6.63 31.63
N LEU B 65 -11.35 -6.46 31.06
CA LEU B 65 -12.46 -5.88 31.81
C LEU B 65 -12.87 -6.79 32.95
N GLU B 66 -12.78 -8.09 32.74
CA GLU B 66 -13.07 -9.09 33.78
C GLU B 66 -11.96 -10.13 33.86
N VAL B 67 -11.31 -10.21 35.02
CA VAL B 67 -10.27 -11.21 35.24
C VAL B 67 -10.91 -12.57 35.42
N GLY B 68 -10.21 -13.61 34.99
CA GLY B 68 -10.65 -14.99 35.18
C GLY B 68 -11.50 -15.56 34.06
N ASN B 69 -11.77 -14.76 33.02
CA ASN B 69 -12.54 -15.25 31.87
C ASN B 69 -11.75 -16.22 31.01
N ALA B 70 -12.46 -17.02 30.23
CA ALA B 70 -11.84 -18.06 29.39
C ALA B 70 -10.91 -17.49 28.32
N ASP B 71 -11.12 -16.24 27.93
CA ASP B 71 -10.26 -15.59 26.93
C ASP B 71 -8.88 -15.19 27.48
N ASP B 72 -8.60 -15.52 28.75
CA ASP B 72 -7.24 -15.43 29.29
C ASP B 72 -6.30 -16.31 28.47
N ILE B 73 -6.84 -17.39 27.90
CA ILE B 73 -6.15 -18.18 26.89
C ILE B 73 -6.94 -18.08 25.59
N LEU B 74 -6.28 -17.72 24.51
CA LEU B 74 -6.93 -17.64 23.21
C LEU B 74 -6.66 -18.91 22.40
N THR B 75 -7.73 -19.60 22.02
CA THR B 75 -7.62 -20.82 21.22
C THR B 75 -8.11 -20.51 19.81
N ILE B 76 -7.34 -20.94 18.82
CA ILE B 76 -7.69 -20.71 17.41
C ILE B 76 -7.75 -22.05 16.70
N VAL B 77 -8.88 -22.31 16.06
CA VAL B 77 -9.11 -23.58 15.37
C VAL B 77 -9.24 -23.31 13.87
N ILE B 78 -8.32 -23.87 13.09
CA ILE B 78 -8.30 -23.67 11.64
C ILE B 78 -8.43 -24.98 10.89
N TYR B 79 -9.55 -25.17 10.21
CA TYR B 79 -9.76 -26.38 9.39
C TYR B 79 -9.08 -26.22 8.03
N ASN B 80 -8.75 -27.36 7.41
CA ASN B 80 -8.06 -27.36 6.12
C ASN B 80 -8.79 -26.59 5.02
N ASN B 81 -10.10 -26.78 4.95
CA ASN B 81 -10.91 -26.23 3.85
C ASN B 81 -12.36 -25.96 4.28
N PRO B 82 -13.14 -25.28 3.43
CA PRO B 82 -14.54 -24.99 3.76
C PRO B 82 -15.39 -26.22 4.09
N GLU B 83 -15.13 -27.32 3.39
CA GLU B 83 -15.90 -28.56 3.55
C GLU B 83 -15.68 -29.19 4.92
N GLU B 84 -14.42 -29.24 5.37
CA GLU B 84 -14.09 -29.82 6.67
C GLU B 84 -14.48 -28.91 7.83
N TYR B 85 -14.69 -27.62 7.55
CA TYR B 85 -15.16 -26.66 8.55
C TYR B 85 -16.55 -27.01 9.07
N LYS B 86 -17.37 -27.61 8.21
CA LYS B 86 -18.74 -27.98 8.58
C LYS B 86 -18.78 -29.00 9.72
N LEU B 87 -17.69 -29.75 9.91
CA LEU B 87 -17.59 -30.72 11.00
C LEU B 87 -17.50 -30.06 12.38
N ASN B 88 -17.19 -28.77 12.42
CA ASN B 88 -17.10 -28.02 13.67
C ASN B 88 -18.41 -28.03 14.46
N LYS B 89 -19.54 -28.08 13.74
CA LYS B 89 -20.85 -28.18 14.39
C LYS B 89 -20.94 -29.42 15.25
N THR B 90 -20.50 -30.56 14.72
CA THR B 90 -20.54 -31.81 15.47
C THR B 90 -19.43 -31.87 16.53
N LEU B 91 -18.23 -31.46 16.13
CA LEU B 91 -17.05 -31.56 17.00
C LEU B 91 -17.10 -30.58 18.18
N TYR B 92 -17.50 -29.34 17.90
CA TYR B 92 -17.55 -28.28 18.92
C TYR B 92 -18.95 -27.75 19.25
N GLY B 93 -19.91 -27.90 18.34
CA GLY B 93 -21.30 -27.53 18.61
C GLY B 93 -21.71 -26.14 18.18
N TYR B 94 -20.89 -25.47 17.36
CA TYR B 94 -21.18 -24.09 16.96
C TYR B 94 -21.52 -23.99 15.47
N SER B 95 -22.26 -22.94 15.13
CA SER B 95 -22.77 -22.72 13.78
C SER B 95 -21.65 -22.59 12.76
N VAL B 96 -21.85 -23.22 11.60
CA VAL B 96 -20.87 -23.19 10.51
C VAL B 96 -21.36 -22.38 9.31
N ASP B 97 -22.45 -21.63 9.48
CA ASP B 97 -23.00 -20.81 8.40
C ASP B 97 -22.30 -19.44 8.35
N ASN B 98 -20.99 -19.47 8.12
CA ASN B 98 -20.15 -18.29 8.21
C ASN B 98 -18.74 -18.57 7.69
N GLY B 99 -17.97 -17.50 7.49
CA GLY B 99 -16.54 -17.63 7.18
C GLY B 99 -15.73 -18.03 8.40
N GLY B 100 -16.23 -17.65 9.57
CA GLY B 100 -15.59 -18.01 10.84
C GLY B 100 -16.47 -17.56 11.98
N ILE B 101 -16.11 -17.96 13.20
CA ILE B 101 -16.89 -17.58 14.36
C ILE B 101 -16.03 -17.55 15.63
N TYR B 102 -16.25 -16.52 16.45
CA TYR B 102 -15.61 -16.41 17.74
C TYR B 102 -16.61 -16.66 18.86
N ILE B 103 -16.29 -17.61 19.74
CA ILE B 103 -17.11 -17.91 20.90
C ILE B 103 -16.39 -17.41 22.15
N GLU B 104 -16.83 -16.27 22.67
CA GLU B 104 -16.16 -15.61 23.80
C GLU B 104 -16.13 -16.49 25.05
N GLY B 105 -17.20 -17.23 25.29
CA GLY B 105 -17.34 -18.07 26.48
C GLY B 105 -16.24 -19.11 26.65
N ILE B 106 -15.67 -19.57 25.55
CA ILE B 106 -14.55 -20.53 25.58
C ILE B 106 -13.26 -19.90 25.04
N GLY B 107 -13.28 -18.59 24.81
CA GLY B 107 -12.12 -17.87 24.29
C GLY B 107 -11.54 -18.49 23.04
N THR B 108 -12.43 -19.01 22.18
CA THR B 108 -12.00 -19.76 21.01
C THR B 108 -12.64 -19.21 19.75
N PHE B 109 -11.84 -19.07 18.70
CA PHE B 109 -12.36 -18.72 17.38
C PHE B 109 -12.03 -19.80 16.36
N PHE B 110 -13.02 -20.08 15.52
CA PHE B 110 -12.96 -21.16 14.55
C PHE B 110 -12.99 -20.59 13.14
N THR B 111 -12.17 -21.13 12.26
CA THR B 111 -12.18 -20.74 10.86
C THR B 111 -11.52 -21.84 10.01
N TYR B 112 -11.21 -21.53 8.76
CA TYR B 112 -10.67 -22.51 7.84
C TYR B 112 -9.81 -21.86 6.77
N GLU B 113 -8.81 -22.59 6.30
CA GLU B 113 -8.00 -22.15 5.16
C GLU B 113 -8.85 -22.26 3.90
N ARG B 114 -8.61 -21.39 2.93
CA ARG B 114 -9.40 -21.36 1.71
C ARG B 114 -8.57 -20.86 0.53
N THR B 115 -8.93 -21.32 -0.66
CA THR B 115 -8.36 -20.78 -1.90
C THR B 115 -9.13 -19.49 -2.28
N PRO B 116 -8.55 -18.67 -3.17
CA PRO B 116 -9.23 -17.49 -3.70
C PRO B 116 -10.57 -17.77 -4.38
N GLN B 117 -10.71 -18.97 -4.94
CA GLN B 117 -11.95 -19.37 -5.61
C GLN B 117 -13.09 -19.53 -4.62
N GLU B 118 -12.77 -20.02 -3.42
CA GLU B 118 -13.78 -20.35 -2.41
C GLU B 118 -14.28 -19.11 -1.65
N SER B 119 -13.43 -18.11 -1.49
CA SER B 119 -13.81 -16.88 -0.80
C SER B 119 -13.02 -15.67 -1.29
N ILE B 120 -13.67 -14.51 -1.22
CA ILE B 120 -13.02 -13.24 -1.56
C ILE B 120 -12.08 -12.76 -0.45
N TYR B 121 -12.19 -13.38 0.72
CA TYR B 121 -11.34 -13.04 1.86
C TYR B 121 -10.32 -14.13 2.09
N SER B 122 -9.07 -13.71 2.35
CA SER B 122 -8.01 -14.66 2.69
C SER B 122 -8.15 -15.10 4.14
N LEU B 123 -7.47 -16.19 4.50
CA LEU B 123 -7.46 -16.69 5.86
C LEU B 123 -6.96 -15.62 6.84
N GLU B 124 -5.86 -14.94 6.48
CA GLU B 124 -5.32 -13.90 7.34
C GLU B 124 -6.34 -12.78 7.54
N GLU B 125 -7.07 -12.46 6.48
CA GLU B 125 -8.07 -11.41 6.52
C GLU B 125 -9.19 -11.76 7.48
N LEU B 126 -9.71 -12.98 7.37
CA LEU B 126 -10.77 -13.44 8.26
C LEU B 126 -10.24 -13.63 9.68
N PHE B 127 -9.02 -14.15 9.78
CA PHE B 127 -8.36 -14.30 11.09
C PHE B 127 -8.29 -12.96 11.82
N ARG B 128 -7.85 -11.93 11.10
CA ARG B 128 -7.72 -10.59 11.66
C ARG B 128 -9.09 -10.05 12.14
N HIS B 129 -10.13 -10.27 11.33
CA HIS B 129 -11.51 -9.89 11.69
C HIS B 129 -11.96 -10.57 12.94
N GLU B 130 -11.77 -11.88 13.00
CA GLU B 130 -12.21 -12.68 14.15
C GLU B 130 -11.39 -12.37 15.40
N PHE B 131 -10.12 -12.07 15.21
CA PHE B 131 -9.27 -11.70 16.33
C PHE B 131 -9.78 -10.43 17.01
N THR B 132 -10.33 -9.50 16.22
CA THR B 132 -10.88 -8.26 16.77
C THR B 132 -12.04 -8.53 17.73
N HIS B 133 -12.88 -9.53 17.42
CA HIS B 133 -13.96 -9.93 18.33
C HIS B 133 -13.43 -10.38 19.65
N TYR B 134 -12.33 -11.13 19.62
CA TYR B 134 -11.66 -11.53 20.84
C TYR B 134 -11.18 -10.30 21.63
N LEU B 135 -10.60 -9.34 20.92
CA LEU B 135 -10.13 -8.11 21.54
C LEU B 135 -11.29 -7.31 22.11
N GLN B 136 -12.38 -7.22 21.37
CA GLN B 136 -13.57 -6.49 21.83
C GLN B 136 -14.15 -7.13 23.08
N GLY B 137 -14.24 -8.46 23.07
CA GLY B 137 -14.78 -9.19 24.20
C GLY B 137 -13.94 -9.01 25.45
N ARG B 138 -12.62 -9.05 25.30
CA ARG B 138 -11.70 -9.00 26.42
C ARG B 138 -11.51 -7.60 27.00
N TYR B 139 -11.41 -6.60 26.13
CA TYR B 139 -11.02 -5.26 26.57
C TYR B 139 -12.05 -4.15 26.36
N LEU B 140 -13.12 -4.41 25.61
CA LEU B 140 -14.04 -3.34 25.23
C LEU B 140 -15.46 -3.49 25.77
N ILE B 141 -16.02 -4.70 25.66
CA ILE B 141 -17.41 -4.94 26.06
C ILE B 141 -17.49 -5.81 27.33
N PRO B 142 -18.04 -5.26 28.43
CA PRO B 142 -18.22 -6.03 29.66
C PRO B 142 -19.21 -7.18 29.52
N GLY B 143 -19.03 -8.22 30.32
CA GLY B 143 -19.86 -9.42 30.24
C GLY B 143 -19.53 -10.26 29.03
N LEU B 144 -20.31 -11.31 28.81
CA LEU B 144 -20.12 -12.20 27.67
C LEU B 144 -21.03 -11.83 26.52
N PHE B 145 -20.62 -12.21 25.30
CA PHE B 145 -21.42 -11.97 24.10
C PHE B 145 -22.86 -12.44 24.30
N ASN B 146 -23.79 -11.57 23.92
CA ASN B 146 -25.24 -11.84 24.10
C ASN B 146 -25.73 -11.92 25.55
N LYS B 147 -24.85 -11.74 26.53
CA LYS B 147 -25.24 -11.85 27.94
C LYS B 147 -24.99 -10.58 28.73
N GLY B 148 -23.95 -9.82 28.36
CA GLY B 148 -23.63 -8.56 29.02
C GLY B 148 -24.72 -7.53 28.86
N ASP B 149 -24.63 -6.42 29.60
CA ASP B 149 -25.66 -5.39 29.60
C ASP B 149 -25.88 -4.77 28.22
N PHE B 150 -24.81 -4.65 27.43
CA PHE B 150 -24.95 -4.10 26.08
C PHE B 150 -25.82 -4.95 25.17
N TYR B 151 -25.98 -6.24 25.51
CA TYR B 151 -26.82 -7.15 24.73
C TYR B 151 -28.23 -7.33 25.30
N LYS B 152 -28.43 -7.08 26.59
CA LYS B 152 -29.71 -7.46 27.24
C LYS B 152 -31.04 -6.86 26.72
N GLY B 153 -31.23 -5.55 26.82
CA GLY B 153 -32.51 -4.95 26.41
C GLY B 153 -32.79 -5.07 24.92
N ASN B 154 -31.99 -4.33 24.15
CA ASN B 154 -31.96 -4.41 22.70
C ASN B 154 -30.73 -5.22 22.33
N ASN B 155 -30.96 -6.44 21.87
CA ASN B 155 -29.88 -7.38 21.56
C ASN B 155 -28.96 -6.91 20.42
N GLY B 156 -29.49 -6.09 19.52
CA GLY B 156 -28.72 -5.62 18.38
C GLY B 156 -28.18 -4.22 18.46
N ARG B 157 -28.12 -3.66 19.68
CA ARG B 157 -27.78 -2.23 19.82
C ARG B 157 -26.32 -1.90 19.45
N ILE B 158 -25.41 -2.82 19.71
CA ILE B 158 -23.98 -2.59 19.44
C ILE B 158 -23.50 -3.30 18.16
N THR B 159 -24.41 -3.99 17.48
CA THR B 159 -24.03 -4.91 16.40
C THR B 159 -23.31 -4.23 15.23
N TRP B 160 -23.78 -3.05 14.83
CA TRP B 160 -23.14 -2.32 13.73
C TRP B 160 -21.70 -2.00 14.02
N PHE B 161 -21.41 -1.63 15.26
CA PHE B 161 -20.07 -1.23 15.67
C PHE B 161 -19.19 -2.46 15.89
N GLU B 162 -19.76 -3.48 16.52
CA GLU B 162 -19.03 -4.71 16.79
C GLU B 162 -18.52 -5.35 15.51
N GLU B 163 -19.38 -5.44 14.49
CA GLU B 163 -18.99 -6.02 13.22
C GLU B 163 -18.22 -5.04 12.34
N GLY B 164 -18.64 -3.78 12.33
CA GLY B 164 -17.97 -2.76 11.53
C GLY B 164 -16.53 -2.52 11.94
N SER B 165 -16.29 -2.42 13.24
CA SER B 165 -14.94 -2.21 13.76
C SER B 165 -14.06 -3.46 13.58
N ALA B 166 -14.66 -4.65 13.64
CA ALA B 166 -13.89 -5.89 13.41
C ALA B 166 -13.37 -5.92 11.98
N GLU B 167 -14.21 -5.50 11.04
CA GLU B 167 -13.80 -5.41 9.63
C GLU B 167 -12.71 -4.35 9.49
N PHE B 168 -12.91 -3.22 10.16
CA PHE B 168 -11.96 -2.11 10.12
C PHE B 168 -10.59 -2.46 10.71
N PHE B 169 -10.59 -3.02 11.93
CA PHE B 169 -9.33 -3.38 12.58
C PHE B 169 -8.54 -4.47 11.85
N ALA B 170 -9.19 -5.21 10.96
CA ALA B 170 -8.50 -6.21 10.14
C ALA B 170 -7.48 -5.58 9.19
N GLY B 171 -7.63 -4.28 8.94
CA GLY B 171 -6.68 -3.54 8.12
C GLY B 171 -5.50 -2.96 8.88
N SER B 172 -5.28 -3.43 10.11
CA SER B 172 -4.20 -2.92 10.95
C SER B 172 -2.81 -3.23 10.39
N THR B 173 -1.92 -2.25 10.53
CA THR B 173 -0.50 -2.42 10.21
C THR B 173 0.26 -2.05 11.46
N ARG B 174 1.59 -2.00 11.36
CA ARG B 174 2.42 -1.65 12.50
C ARG B 174 2.23 -0.20 12.93
N THR B 175 1.82 0.66 12.01
CA THR B 175 1.69 2.09 12.31
C THR B 175 0.29 2.69 12.16
N SER B 176 -0.65 1.96 11.55
CA SER B 176 -1.98 2.51 11.31
C SER B 176 -3.01 1.43 11.04
N VAL B 177 -4.22 1.87 10.72
CA VAL B 177 -5.27 1.01 10.20
C VAL B 177 -5.58 1.50 8.80
N LEU B 178 -5.24 0.68 7.81
CA LEU B 178 -5.42 1.06 6.41
C LEU B 178 -6.64 0.39 5.79
N PRO B 179 -7.21 1.04 4.76
CA PRO B 179 -8.41 0.48 4.13
C PRO B 179 -8.16 -0.86 3.46
N ARG B 180 -9.19 -1.71 3.47
CA ARG B 180 -9.12 -3.02 2.84
C ARG B 180 -9.80 -2.96 1.49
N LYS B 181 -9.10 -3.42 0.47
CA LYS B 181 -9.63 -3.44 -0.89
C LYS B 181 -10.93 -4.26 -0.98
N SER B 182 -10.95 -5.39 -0.28
CA SER B 182 -12.11 -6.28 -0.31
C SER B 182 -13.36 -5.64 0.28
N MET B 183 -13.20 -4.88 1.36
CA MET B 183 -14.33 -4.15 1.98
C MET B 183 -14.75 -2.95 1.15
N VAL B 184 -13.77 -2.16 0.69
CA VAL B 184 -14.06 -0.98 -0.13
C VAL B 184 -14.78 -1.36 -1.42
N GLY B 185 -14.32 -2.46 -2.05
CA GLY B 185 -14.94 -2.97 -3.26
C GLY B 185 -16.40 -3.35 -3.06
N GLY B 186 -16.76 -3.75 -1.84
CA GLY B 186 -18.14 -4.08 -1.49
C GLY B 186 -19.09 -2.88 -1.43
N LEU B 187 -18.54 -1.70 -1.20
CA LEU B 187 -19.35 -0.48 -1.13
C LEU B 187 -19.99 -0.21 -2.50
N SER B 188 -21.25 0.24 -2.48
CA SER B 188 -21.98 0.51 -3.72
C SER B 188 -21.31 1.63 -4.51
N LYS B 189 -21.33 1.49 -5.83
CA LYS B 189 -20.78 2.51 -6.73
C LYS B 189 -21.73 3.70 -6.82
N ASN B 190 -23.02 3.43 -6.62
CA ASN B 190 -24.04 4.49 -6.60
C ASN B 190 -24.17 5.09 -5.20
N PRO B 191 -23.88 6.39 -5.05
CA PRO B 191 -24.00 7.07 -3.75
C PRO B 191 -25.36 6.91 -3.06
N LYS B 192 -26.44 6.94 -3.85
CA LYS B 192 -27.79 6.80 -3.31
C LYS B 192 -28.06 5.44 -2.67
N GLU B 193 -27.35 4.40 -3.12
CA GLU B 193 -27.56 3.04 -2.62
C GLU B 193 -26.88 2.77 -1.29
N ARG B 194 -25.94 3.63 -0.91
CA ARG B 194 -25.18 3.42 0.31
C ARG B 194 -26.02 3.71 1.56
N PHE B 195 -25.69 3.01 2.64
CA PHE B 195 -26.36 3.22 3.92
C PHE B 195 -26.09 4.65 4.38
N ASN B 196 -27.09 5.30 4.96
CA ASN B 196 -26.85 6.50 5.75
C ASN B 196 -26.49 6.08 7.17
N ALA B 197 -26.05 7.04 7.99
CA ALA B 197 -25.60 6.76 9.35
C ALA B 197 -26.72 6.16 10.20
N ASP B 198 -27.91 6.75 10.12
CA ASP B 198 -29.06 6.29 10.88
C ASP B 198 -29.39 4.82 10.62
N LYS B 199 -29.38 4.45 9.35
CA LYS B 199 -29.64 3.07 8.93
C LYS B 199 -28.56 2.13 9.48
N LEU B 200 -27.29 2.54 9.35
CA LEU B 200 -26.17 1.75 9.86
C LEU B 200 -26.24 1.59 11.38
N LEU B 201 -26.45 2.70 12.08
CA LEU B 201 -26.38 2.72 13.54
C LEU B 201 -27.48 1.90 14.22
N HIS B 202 -28.50 1.47 13.46
CA HIS B 202 -29.54 0.61 14.01
C HIS B 202 -29.60 -0.73 13.34
N SER B 203 -28.54 -1.10 12.61
CA SER B 203 -28.51 -2.38 11.90
C SER B 203 -28.45 -3.56 12.87
N LYS B 204 -28.88 -4.73 12.40
CA LYS B 204 -28.90 -5.95 13.20
C LYS B 204 -28.58 -7.16 12.32
N TYR B 205 -28.24 -8.28 12.95
CA TYR B 205 -27.85 -9.49 12.21
C TYR B 205 -28.93 -9.99 11.25
N SER B 206 -30.19 -9.87 11.65
CA SER B 206 -31.32 -10.29 10.81
C SER B 206 -31.49 -9.43 9.55
N ASP B 207 -30.90 -8.24 9.52
CA ASP B 207 -30.93 -7.38 8.33
C ASP B 207 -30.12 -7.95 7.15
N GLY B 208 -29.16 -8.83 7.43
CA GLY B 208 -28.33 -9.41 6.37
C GLY B 208 -26.87 -9.12 6.58
N TRP B 209 -26.12 -8.98 5.49
CA TRP B 209 -24.67 -8.81 5.58
C TRP B 209 -24.16 -7.47 5.07
N ASP B 210 -25.03 -6.63 4.52
CA ASP B 210 -24.61 -5.34 3.96
C ASP B 210 -24.01 -4.38 4.99
N PHE B 211 -24.59 -4.36 6.20
CA PHE B 211 -24.15 -3.43 7.24
C PHE B 211 -22.70 -3.66 7.67
N TYR B 212 -22.14 -4.84 7.40
CA TYR B 212 -20.73 -5.11 7.64
C TYR B 212 -19.84 -4.12 6.88
N LYS B 213 -20.10 -4.01 5.58
CA LYS B 213 -19.34 -3.10 4.71
C LYS B 213 -19.52 -1.64 5.11
N TYR B 214 -20.76 -1.25 5.40
CA TYR B 214 -21.05 0.14 5.73
C TYR B 214 -20.60 0.49 7.14
N GLY B 215 -20.70 -0.49 8.05
CA GLY B 215 -20.14 -0.35 9.39
C GLY B 215 -18.64 -0.21 9.32
N TYR B 216 -18.01 -1.02 8.47
CA TYR B 216 -16.59 -0.89 8.18
C TYR B 216 -16.25 0.52 7.71
N ALA B 217 -17.02 1.03 6.76
CA ALA B 217 -16.76 2.36 6.19
C ALA B 217 -16.90 3.45 7.25
N PHE B 218 -17.90 3.31 8.11
CA PHE B 218 -18.14 4.29 9.19
C PHE B 218 -17.00 4.29 10.21
N SER B 219 -16.49 3.11 10.54
CA SER B 219 -15.35 2.99 11.44
C SER B 219 -14.15 3.73 10.86
N ASP B 220 -13.88 3.52 9.58
CA ASP B 220 -12.76 4.18 8.92
C ASP B 220 -12.98 5.69 8.86
N TYR B 221 -14.23 6.08 8.65
CA TYR B 221 -14.60 7.49 8.71
C TYR B 221 -14.25 8.09 10.07
N MET B 222 -14.67 7.40 11.14
CA MET B 222 -14.40 7.90 12.49
C MET B 222 -12.92 8.03 12.76
N TYR B 223 -12.17 6.98 12.41
CA TYR B 223 -10.75 6.93 12.65
C TYR B 223 -9.99 8.06 11.96
N ASN B 224 -10.37 8.33 10.71
CA ASN B 224 -9.68 9.34 9.92
C ASN B 224 -10.27 10.74 10.12
N ASN B 225 -11.59 10.85 10.30
CA ASN B 225 -12.25 12.16 10.30
C ASN B 225 -13.09 12.50 11.54
N ASN B 226 -13.36 11.54 12.41
CA ASN B 226 -14.11 11.81 13.64
C ASN B 226 -13.64 10.95 14.80
N LYS B 227 -12.39 11.16 15.19
CA LYS B 227 -11.77 10.42 16.29
C LYS B 227 -12.50 10.62 17.61
N LYS B 228 -13.09 11.81 17.78
CA LYS B 228 -13.86 12.14 18.97
C LYS B 228 -15.08 11.23 19.15
N LEU B 229 -15.81 10.99 18.06
CA LEU B 229 -16.94 10.07 18.11
C LEU B 229 -16.48 8.65 18.44
N PHE B 230 -15.40 8.21 17.80
CA PHE B 230 -14.83 6.89 18.07
C PHE B 230 -14.49 6.77 19.55
N SER B 231 -13.79 7.79 20.06
CA SER B 231 -13.33 7.82 21.44
C SER B 231 -14.51 7.79 22.43
N ASP B 232 -15.51 8.62 22.18
CA ASP B 232 -16.71 8.66 23.04
C ASP B 232 -17.49 7.35 23.01
N LEU B 233 -17.58 6.72 21.85
CA LEU B 233 -18.27 5.43 21.74
C LEU B 233 -17.60 4.35 22.60
N VAL B 234 -16.29 4.22 22.47
CA VAL B 234 -15.55 3.18 23.19
C VAL B 234 -15.55 3.43 24.70
N SER B 235 -15.59 4.70 25.10
CA SER B 235 -15.64 5.06 26.51
C SER B 235 -16.91 4.55 27.19
N THR B 236 -18.06 4.75 26.53
CA THR B 236 -19.33 4.24 27.07
C THR B 236 -19.34 2.72 27.13
N MET B 237 -18.74 2.08 26.13
CA MET B 237 -18.65 0.62 26.10
C MET B 237 -17.85 0.09 27.26
N LYS B 238 -16.64 0.64 27.44
CA LYS B 238 -15.76 0.22 28.54
C LYS B 238 -16.41 0.42 29.90
N ASN B 239 -17.17 1.51 30.02
CA ASN B 239 -17.85 1.86 31.28
C ASN B 239 -19.14 1.09 31.49
N ASN B 240 -19.54 0.27 30.52
CA ASN B 240 -20.81 -0.44 30.57
C ASN B 240 -21.97 0.55 30.65
N ASP B 241 -21.79 1.71 30.02
CA ASP B 241 -22.76 2.78 30.07
C ASP B 241 -23.69 2.69 28.87
N VAL B 242 -24.66 1.77 28.96
CA VAL B 242 -25.59 1.48 27.88
C VAL B 242 -26.41 2.71 27.49
N LYS B 243 -26.95 3.41 28.49
CA LYS B 243 -27.75 4.61 28.24
C LYS B 243 -26.92 5.67 27.52
N GLY B 244 -25.68 5.87 27.98
CA GLY B 244 -24.77 6.83 27.36
C GLY B 244 -24.45 6.50 25.92
N TYR B 245 -24.24 5.22 25.64
CA TYR B 245 -24.07 4.75 24.27
C TYR B 245 -25.31 5.06 23.44
N GLU B 246 -26.48 4.71 23.96
CA GLU B 246 -27.73 4.91 23.21
C GLU B 246 -27.99 6.39 22.91
N ALA B 247 -27.70 7.25 23.88
CA ALA B 247 -27.81 8.70 23.65
C ALA B 247 -26.84 9.12 22.54
N LEU B 248 -25.64 8.57 22.56
CA LEU B 248 -24.62 8.87 21.56
C LEU B 248 -25.03 8.39 20.16
N ILE B 249 -25.69 7.24 20.10
CA ILE B 249 -26.19 6.70 18.84
C ILE B 249 -27.31 7.57 18.27
N GLU B 250 -28.22 8.02 19.14
CA GLU B 250 -29.33 8.87 18.69
C GLU B 250 -28.84 10.23 18.19
N GLU B 251 -27.91 10.83 18.92
CA GLU B 251 -27.34 12.11 18.51
C GLU B 251 -26.63 11.97 17.15
N SER B 252 -25.84 10.92 17.01
CA SER B 252 -25.05 10.68 15.80
C SER B 252 -25.92 10.36 14.58
N SER B 253 -27.00 9.61 14.80
CA SER B 253 -27.90 9.22 13.72
C SER B 253 -28.62 10.42 13.10
N LYS B 254 -28.99 11.40 13.93
CA LYS B 254 -29.70 12.59 13.46
C LYS B 254 -28.78 13.80 13.19
N ASP B 255 -27.47 13.61 13.30
CA ASP B 255 -26.52 14.70 13.03
C ASP B 255 -26.25 14.78 11.54
N SER B 256 -26.69 15.89 10.93
CA SER B 256 -26.55 16.08 9.48
C SER B 256 -25.09 16.18 9.04
N LYS B 257 -24.24 16.71 9.91
CA LYS B 257 -22.82 16.84 9.59
C LYS B 257 -22.16 15.47 9.58
N ILE B 258 -22.53 14.61 10.53
CA ILE B 258 -22.00 13.25 10.57
C ILE B 258 -22.39 12.48 9.30
N ASN B 259 -23.66 12.54 8.92
CA ASN B 259 -24.13 11.87 7.72
C ASN B 259 -23.41 12.37 6.47
N LYS B 260 -23.29 13.70 6.36
CA LYS B 260 -22.62 14.31 5.22
C LYS B 260 -21.17 13.85 5.11
N ASP B 261 -20.45 13.94 6.22
CA ASP B 261 -19.03 13.60 6.26
C ASP B 261 -18.82 12.10 6.07
N TYR B 262 -19.73 11.29 6.60
CA TYR B 262 -19.70 9.85 6.42
C TYR B 262 -19.85 9.48 4.93
N GLU B 263 -20.81 10.10 4.27
CA GLU B 263 -21.04 9.84 2.84
C GLU B 263 -19.89 10.36 2.00
N TYR B 264 -19.29 11.47 2.42
CA TYR B 264 -18.12 12.02 1.74
C TYR B 264 -16.93 11.07 1.88
N HIS B 265 -16.79 10.45 3.05
CA HIS B 265 -15.69 9.51 3.30
C HIS B 265 -15.82 8.28 2.45
N MET B 266 -17.04 7.79 2.28
CA MET B 266 -17.29 6.62 1.44
C MET B 266 -16.98 6.90 -0.03
N GLU B 267 -17.39 8.06 -0.53
CA GLU B 267 -17.08 8.47 -1.89
C GLU B 267 -15.56 8.48 -2.10
N ASN B 268 -14.83 9.05 -1.14
CA ASN B 268 -13.37 9.08 -1.18
C ASN B 268 -12.77 7.67 -1.13
N LEU B 269 -13.35 6.79 -0.30
CA LEU B 269 -12.92 5.39 -0.25
C LEU B 269 -13.12 4.73 -1.60
N VAL B 270 -14.34 4.81 -2.12
CA VAL B 270 -14.67 4.20 -3.41
C VAL B 270 -13.81 4.77 -4.54
N ASN B 271 -13.56 6.09 -4.50
CA ASN B 271 -12.71 6.74 -5.49
C ASN B 271 -11.25 6.25 -5.48
N ASN B 272 -10.76 5.87 -4.31
CA ASN B 272 -9.39 5.42 -4.13
C ASN B 272 -9.24 3.90 -4.17
N TYR B 273 -10.28 3.21 -4.65
CA TYR B 273 -10.31 1.74 -4.63
C TYR B 273 -9.03 1.11 -5.20
N ASP B 274 -8.53 1.67 -6.30
CA ASP B 274 -7.32 1.17 -6.96
C ASP B 274 -6.05 1.33 -6.10
N ASN B 275 -6.04 2.32 -5.22
CA ASN B 275 -4.90 2.55 -4.31
C ASN B 275 -4.77 1.50 -3.20
N TYR B 276 -5.85 0.80 -2.90
CA TYR B 276 -5.87 -0.11 -1.74
C TYR B 276 -5.47 -1.53 -2.10
N THR B 277 -4.93 -2.21 -1.08
CA THR B 277 -4.53 -3.60 -1.18
C THR B 277 -5.08 -4.29 0.07
N ILE B 278 -4.95 -5.61 0.14
CA ILE B 278 -5.27 -6.33 1.36
C ILE B 278 -4.07 -6.25 2.32
N PRO B 279 -4.24 -5.53 3.45
CA PRO B 279 -3.12 -5.50 4.40
C PRO B 279 -2.83 -6.86 5.01
N LEU B 280 -1.64 -7.40 4.71
CA LEU B 280 -1.17 -8.65 5.28
C LEU B 280 0.24 -8.48 5.85
N VAL B 281 0.66 -9.42 6.70
CA VAL B 281 1.95 -9.31 7.40
C VAL B 281 3.12 -9.47 6.43
N SER B 282 4.21 -8.76 6.72
CA SER B 282 5.40 -8.76 5.87
C SER B 282 6.24 -10.02 6.07
N ASP B 283 7.14 -10.28 5.12
CA ASP B 283 8.11 -11.38 5.23
C ASP B 283 9.17 -11.14 6.32
N ASP B 284 9.21 -9.92 6.85
CA ASP B 284 10.16 -9.55 7.91
C ASP B 284 10.03 -10.41 9.17
N TYR B 285 8.84 -10.93 9.42
CA TYR B 285 8.60 -11.74 10.60
C TYR B 285 9.21 -13.14 10.51
N MET B 286 9.40 -13.63 9.29
CA MET B 286 9.92 -14.98 9.05
C MET B 286 11.45 -15.03 8.98
N LYS B 287 12.06 -13.92 8.59
CA LYS B 287 13.52 -13.87 8.37
C LYS B 287 14.33 -14.16 9.63
N GLN B 288 15.45 -14.85 9.43
CA GLN B 288 16.43 -15.06 10.48
C GLN B 288 17.21 -13.77 10.69
N TYR B 289 17.41 -13.39 11.95
CA TYR B 289 18.19 -12.21 12.29
C TYR B 289 19.30 -12.58 13.26
N ASP B 290 20.31 -11.72 13.34
CA ASP B 290 21.34 -11.87 14.35
C ASP B 290 20.72 -11.76 15.72
N ASN B 291 21.25 -12.52 16.68
CA ASN B 291 20.83 -12.39 18.06
C ASN B 291 21.19 -11.00 18.56
N LYS B 292 20.24 -10.37 19.24
CA LYS B 292 20.49 -9.10 19.91
C LYS B 292 20.03 -9.23 21.35
N SER B 293 20.84 -8.71 22.26
CA SER B 293 20.57 -8.88 23.69
C SER B 293 19.33 -8.08 24.12
N LEU B 294 18.68 -8.58 25.17
CA LEU B 294 17.49 -7.97 25.74
C LEU B 294 17.81 -6.58 26.29
N HIS B 295 18.95 -6.45 26.95
CA HIS B 295 19.41 -5.17 27.49
CA HIS B 295 19.42 -5.17 27.49
C HIS B 295 19.64 -4.17 26.40
N GLU B 296 20.14 -4.62 25.25
CA GLU B 296 20.37 -3.74 24.09
C GLU B 296 19.06 -3.28 23.46
N ILE B 297 18.12 -4.20 23.33
CA ILE B 297 16.80 -3.89 22.79
C ILE B 297 16.09 -2.86 23.66
N LYS B 298 16.10 -3.09 24.97
CA LYS B 298 15.49 -2.18 25.93
C LYS B 298 16.10 -0.78 25.83
N SER B 299 17.42 -0.72 25.71
CA SER B 299 18.13 0.55 25.62
C SER B 299 17.74 1.32 24.36
N ASP B 300 17.72 0.64 23.20
CA ASP B 300 17.33 1.28 21.95
C ASP B 300 15.89 1.78 22.00
N ILE B 301 14.99 0.95 22.53
CA ILE B 301 13.58 1.31 22.62
C ILE B 301 13.36 2.49 23.58
N GLU B 302 14.06 2.49 24.71
CA GLU B 302 14.01 3.60 25.64
C GLU B 302 14.47 4.91 25.01
N LYS B 303 15.58 4.85 24.27
CA LYS B 303 16.07 6.00 23.52
C LYS B 303 15.07 6.42 22.44
N ALA B 304 14.55 5.45 21.69
CA ALA B 304 13.61 5.74 20.60
C ALA B 304 12.30 6.36 21.08
N MET B 305 11.79 5.87 22.21
CA MET B 305 10.51 6.32 22.72
C MET B 305 10.63 7.41 23.80
N ASP B 306 11.86 7.73 24.19
CA ASP B 306 12.11 8.71 25.26
C ASP B 306 11.34 8.32 26.54
N VAL B 307 11.53 7.07 26.95
CA VAL B 307 11.00 6.57 28.23
C VAL B 307 12.15 5.97 29.02
N LYS B 308 12.00 5.91 30.34
CA LYS B 308 13.03 5.42 31.24
C LYS B 308 12.48 4.38 32.21
N ASN B 309 13.38 3.64 32.84
CA ASN B 309 13.03 2.64 33.83
C ASN B 309 11.98 1.66 33.32
N SER B 310 12.07 1.31 32.04
CA SER B 310 11.14 0.36 31.46
C SER B 310 11.46 -1.04 31.98
N GLN B 311 10.50 -1.94 31.83
CA GLN B 311 10.70 -3.33 32.19
C GLN B 311 10.54 -4.15 30.92
N ILE B 312 11.54 -4.97 30.62
CA ILE B 312 11.48 -5.84 29.45
C ILE B 312 11.42 -7.28 29.91
N THR B 313 10.54 -8.06 29.29
CA THR B 313 10.35 -9.45 29.66
C THR B 313 10.36 -10.34 28.41
N LYS B 314 11.13 -11.42 28.47
CA LYS B 314 11.18 -12.41 27.42
C LYS B 314 9.99 -13.37 27.54
N GLU B 315 9.40 -13.74 26.41
CA GLU B 315 8.35 -14.73 26.37
C GLU B 315 8.68 -15.78 25.32
N SER B 316 8.27 -17.02 25.59
CA SER B 316 8.58 -18.12 24.68
C SER B 316 7.36 -18.57 23.88
N SER B 317 7.58 -18.74 22.59
CA SER B 317 6.63 -19.38 21.69
C SER B 317 7.30 -20.64 21.14
N GLN B 318 6.55 -21.40 20.36
CA GLN B 318 7.01 -22.71 19.90
C GLN B 318 8.29 -22.67 19.07
N TYR B 319 8.36 -21.73 18.12
CA TYR B 319 9.48 -21.67 17.18
C TYR B 319 10.31 -20.39 17.32
N PHE B 320 10.00 -19.58 18.33
CA PHE B 320 10.76 -18.35 18.59
C PHE B 320 10.50 -17.79 19.98
N ASP B 321 11.36 -16.87 20.39
CA ASP B 321 11.13 -16.07 21.59
C ASP B 321 10.83 -14.64 21.20
N THR B 322 10.02 -13.98 22.03
CA THR B 322 9.63 -12.60 21.82
C THR B 322 9.88 -11.85 23.11
N TYR B 323 9.71 -10.52 23.09
CA TYR B 323 9.83 -9.72 24.30
C TYR B 323 8.67 -8.75 24.41
N ASN B 324 8.35 -8.39 25.65
CA ASN B 324 7.40 -7.32 25.92
C ASN B 324 8.13 -6.25 26.72
N LEU B 325 8.09 -5.01 26.25
CA LEU B 325 8.67 -3.90 27.00
C LEU B 325 7.53 -3.03 27.51
N LYS B 326 7.48 -2.84 28.82
CA LYS B 326 6.46 -2.03 29.46
C LYS B 326 7.10 -0.76 30.02
N ALA B 327 6.45 0.36 29.78
CA ALA B 327 6.94 1.65 30.28
C ALA B 327 5.80 2.61 30.48
N THR B 328 6.10 3.76 31.07
CA THR B 328 5.12 4.82 31.18
C THR B 328 5.69 6.05 30.46
N TYR B 329 4.81 6.87 29.91
CA TYR B 329 5.21 8.12 29.28
C TYR B 329 4.31 9.23 29.78
N THR B 330 4.92 10.33 30.22
CA THR B 330 4.18 11.46 30.75
C THR B 330 4.14 12.59 29.73
N LEU B 331 2.93 12.92 29.28
CA LEU B 331 2.71 13.97 28.30
C LEU B 331 2.87 15.30 29.01
N SER B 332 3.82 16.12 28.56
CA SER B 332 4.16 17.36 29.26
C SER B 332 3.00 18.37 29.26
N SER B 333 2.24 18.39 28.18
CA SER B 333 1.12 19.33 28.06
C SER B 333 -0.15 18.59 27.65
N ASN B 334 -1.18 18.69 28.47
CA ASN B 334 -2.48 18.14 28.16
C ASN B 334 -3.25 19.10 27.25
N LYS B 335 -3.43 18.72 25.98
CA LYS B 335 -4.12 19.55 25.00
C LYS B 335 -5.46 18.96 24.54
N GLY B 336 -6.04 18.07 25.35
CA GLY B 336 -7.32 17.45 25.03
C GLY B 336 -7.16 16.05 24.50
N GLU B 337 -8.24 15.27 24.59
CA GLU B 337 -8.19 13.84 24.29
C GLU B 337 -7.68 13.51 22.88
N ILE B 338 -8.22 14.18 21.87
CA ILE B 338 -7.87 13.86 20.49
C ILE B 338 -6.47 14.36 20.12
N SER B 339 -6.16 15.59 20.51
CA SER B 339 -4.82 16.15 20.32
C SER B 339 -3.77 15.28 21.01
N ASN B 340 -4.04 14.90 22.25
CA ASN B 340 -3.16 14.00 22.98
C ASN B 340 -3.03 12.66 22.27
N TRP B 341 -4.15 12.15 21.75
CA TRP B 341 -4.15 10.88 21.04
C TRP B 341 -3.25 10.92 19.83
N ASN B 342 -3.40 11.97 19.03
CA ASN B 342 -2.56 12.14 17.83
C ASN B 342 -1.09 12.30 18.16
N TYR B 343 -0.78 13.01 19.24
CA TYR B 343 0.60 13.19 19.68
C TYR B 343 1.22 11.84 20.03
N MET B 344 0.50 11.04 20.81
CA MET B 344 1.00 9.74 21.24
C MET B 344 1.10 8.77 20.08
N ASN B 345 0.12 8.78 19.19
CA ASN B 345 0.15 7.93 18.00
C ASN B 345 1.33 8.29 17.08
N ASN B 346 1.55 9.59 16.89
CA ASN B 346 2.69 10.04 16.09
C ASN B 346 4.02 9.74 16.77
N LYS B 347 4.09 9.97 18.09
CA LYS B 347 5.31 9.72 18.83
C LYS B 347 5.69 8.23 18.81
N ILE B 348 4.71 7.36 19.02
CA ILE B 348 5.00 5.92 19.04
C ILE B 348 5.40 5.44 17.65
N ASN B 349 4.74 5.96 16.62
CA ASN B 349 5.10 5.64 15.23
C ASN B 349 6.49 6.13 14.86
N GLU B 350 6.86 7.31 15.35
CA GLU B 350 8.20 7.83 15.15
C GLU B 350 9.25 6.92 15.81
N ALA B 351 8.93 6.39 16.99
CA ALA B 351 9.80 5.44 17.67
C ALA B 351 10.02 4.20 16.82
N LEU B 352 8.93 3.62 16.33
CA LEU B 352 8.98 2.44 15.46
C LEU B 352 9.83 2.66 14.20
N ASN B 353 9.68 3.84 13.59
CA ASN B 353 10.48 4.19 12.41
C ASN B 353 11.97 4.29 12.75
N LYS B 354 12.30 4.92 13.88
CA LYS B 354 13.68 5.06 14.32
C LYS B 354 14.33 3.69 14.53
N LEU B 355 13.60 2.80 15.18
CA LEU B 355 14.08 1.43 15.40
C LEU B 355 14.23 0.68 14.08
N ASP B 356 13.27 0.86 13.18
CA ASP B 356 13.35 0.26 11.83
C ASP B 356 14.61 0.70 11.09
N ASN B 357 14.97 1.97 11.24
CA ASN B 357 16.16 2.51 10.59
C ASN B 357 17.49 2.07 11.23
N LEU B 358 17.43 1.41 12.38
CA LEU B 358 18.63 0.84 12.99
C LEU B 358 19.09 -0.39 12.24
N SER B 359 20.32 -0.81 12.51
CA SER B 359 20.97 -1.89 11.78
C SER B 359 20.27 -3.25 11.94
N TRP B 360 19.78 -3.53 13.15
CA TRP B 360 19.21 -4.85 13.44
C TRP B 360 17.87 -5.04 12.77
N GLY B 361 17.77 -6.08 11.94
CA GLY B 361 16.55 -6.37 11.19
C GLY B 361 15.37 -6.80 12.06
N GLY B 362 15.64 -7.21 13.29
CA GLY B 362 14.61 -7.61 14.22
C GLY B 362 13.61 -6.52 14.54
N TYR B 363 14.02 -5.26 14.42
CA TYR B 363 13.15 -4.14 14.77
C TYR B 363 11.96 -4.00 13.81
N LYS B 364 12.07 -4.60 12.64
CA LYS B 364 10.96 -4.68 11.69
C LYS B 364 9.76 -5.49 12.22
N THR B 365 9.96 -6.31 13.25
CA THR B 365 8.87 -7.09 13.85
C THR B 365 8.18 -6.39 15.02
N VAL B 366 8.59 -5.18 15.35
CA VAL B 366 8.08 -4.49 16.53
C VAL B 366 6.71 -3.84 16.31
N THR B 367 5.81 -4.07 17.26
CA THR B 367 4.52 -3.38 17.32
C THR B 367 4.45 -2.72 18.69
N ALA B 368 3.75 -1.60 18.77
CA ALA B 368 3.70 -0.83 20.00
C ALA B 368 2.38 -0.10 20.15
N TYR B 369 2.00 0.16 21.39
CA TYR B 369 0.81 0.94 21.66
C TYR B 369 0.91 1.75 22.94
N PHE B 370 -0.01 2.69 23.07
CA PHE B 370 -0.18 3.50 24.28
C PHE B 370 -1.62 3.33 24.73
N SER B 371 -1.86 3.40 26.04
CA SER B 371 -3.20 3.17 26.59
C SER B 371 -3.36 3.65 28.01
N ASN B 372 -4.60 3.65 28.47
CA ASN B 372 -4.95 3.92 29.86
C ASN B 372 -4.37 5.24 30.39
N PRO B 373 -4.71 6.34 29.70
CA PRO B 373 -4.27 7.65 30.16
C PRO B 373 -4.88 8.01 31.50
N ARG B 374 -4.10 8.69 32.33
CA ARG B 374 -4.58 9.21 33.59
C ARG B 374 -3.96 10.59 33.76
N LEU B 375 -4.82 11.56 34.05
CA LEU B 375 -4.42 12.97 34.13
C LEU B 375 -4.16 13.32 35.58
N ASN B 376 -2.92 13.71 35.87
CA ASN B 376 -2.55 14.12 37.23
C ASN B 376 -2.90 15.58 37.49
N SER B 377 -2.69 16.03 38.73
CA SER B 377 -2.95 17.41 39.13
C SER B 377 -2.12 18.44 38.35
N ASN B 378 -0.90 18.05 37.98
CA ASN B 378 0.04 18.95 37.32
C ASN B 378 -0.24 19.24 35.83
N ASN B 379 -1.40 18.81 35.31
CA ASN B 379 -1.74 18.99 33.89
C ASN B 379 -0.84 18.19 32.94
N GLU B 380 -0.37 17.04 33.42
CA GLU B 380 0.38 16.10 32.59
C GLU B 380 -0.31 14.74 32.59
N VAL B 381 -0.48 14.16 31.40
CA VAL B 381 -1.14 12.88 31.23
C VAL B 381 -0.12 11.74 31.25
N VAL B 382 -0.34 10.73 32.07
CA VAL B 382 0.54 9.56 32.10
C VAL B 382 -0.07 8.42 31.27
N TYR B 383 0.72 7.88 30.34
CA TYR B 383 0.30 6.77 29.49
C TYR B 383 1.10 5.52 29.81
N ASP B 384 0.44 4.37 29.79
CA ASP B 384 1.15 3.09 29.75
C ASP B 384 1.62 2.87 28.31
N ILE B 385 2.83 2.34 28.16
CA ILE B 385 3.43 2.11 26.86
C ILE B 385 3.90 0.65 26.78
N VAL B 386 3.53 -0.03 25.71
CA VAL B 386 3.97 -1.40 25.48
C VAL B 386 4.58 -1.55 24.10
N PHE B 387 5.76 -2.15 24.04
CA PHE B 387 6.41 -2.52 22.80
C PHE B 387 6.51 -4.05 22.76
N HIS B 388 6.25 -4.64 21.60
CA HIS B 388 6.32 -6.09 21.43
C HIS B 388 7.13 -6.40 20.21
N GLY B 389 8.02 -7.39 20.29
CA GLY B 389 8.84 -7.76 19.14
C GLY B 389 9.47 -9.13 19.23
N LEU B 390 10.00 -9.60 18.09
CA LEU B 390 10.76 -10.84 18.02
C LEU B 390 12.09 -10.68 18.76
N LEU B 391 12.44 -11.67 19.56
CA LEU B 391 13.75 -11.71 20.21
C LEU B 391 14.70 -12.54 19.34
N SER B 392 14.31 -13.79 19.08
CA SER B 392 15.09 -14.68 18.22
C SER B 392 14.29 -15.91 17.79
N HIS B 393 14.52 -16.37 16.57
CA HIS B 393 13.97 -17.65 16.12
C HIS B 393 14.80 -18.79 16.64
N ASN B 394 14.20 -19.97 16.71
CA ASN B 394 14.87 -21.18 17.20
C ASN B 394 15.40 -22.05 16.06
O IP8 C 1 16.33 11.98 -10.34
C1 IP8 C 1 19.24 12.50 -8.37
O1 IP8 C 1 18.22 13.21 -9.08
P1 IP8 C 1 17.62 12.69 -10.48
C2 IP8 C 1 18.82 12.36 -6.90
O2 IP8 C 1 18.51 11.50 -11.12
C3 IP8 C 1 19.96 12.57 -5.90
C4 IP8 C 1 21.09 13.46 -6.42
C5 IP8 C 1 20.51 11.23 -5.43
N GLY C 2 17.51 14.06 -11.56
CA GLY C 2 19.09 14.65 -13.37
C GLY C 2 17.81 13.96 -12.98
N PRO C 3 19.84 14.18 -14.43
CA PRO C 3 20.77 15.18 -15.05
C PRO C 3 20.22 16.55 -15.32
N ALA C 4 21.12 17.54 -15.20
CA ALA C 4 20.83 18.93 -15.53
C ALA C 4 21.14 19.20 -16.98
O IP8 D 1 -17.16 -12.71 13.10
C1 IP8 D 1 -18.92 -14.47 14.67
O1 IP8 D 1 -19.34 -14.01 13.39
P1 IP8 D 1 -18.43 -13.07 12.45
C2 IP8 D 1 -18.50 -13.34 15.62
O2 IP8 D 1 -19.20 -11.68 12.23
C3 IP8 D 1 -18.87 -13.52 17.10
C4 IP8 D 1 -19.18 -12.17 17.72
C5 IP8 D 1 -20.01 -14.50 17.34
N GLY D 2 -18.11 -13.82 10.91
CA GLY D 2 -17.97 -13.63 8.43
C GLY D 2 -17.89 -12.94 9.77
N PRO D 3 -17.40 -13.06 7.30
CA PRO D 3 -18.25 -13.28 6.10
C PRO D 3 -17.69 -14.36 5.23
N ALA D 4 -18.54 -15.04 4.46
CA ALA D 4 -18.06 -16.09 3.59
C ALA D 4 -17.30 -15.48 2.42
ZN ZN E . 16.99 10.23 -11.56
CA CA F . 9.27 2.51 -2.14
ZN ZN G . -17.65 -10.56 12.90
CA CA H . -16.66 -9.23 27.23
#